data_7MRN
#
_entry.id   7MRN
#
_cell.length_a   137.010
_cell.length_b   137.010
_cell.length_c   385.372
_cell.angle_alpha   90.000
_cell.angle_beta   90.000
_cell.angle_gamma   120.000
#
_symmetry.space_group_name_H-M   'H 3 2'
#
loop_
_entity.id
_entity.type
_entity.pdbx_description
1 polymer Contactin-5
2 polymer N-APP
#
loop_
_entity_poly.entity_id
_entity_poly.type
_entity_poly.pdbx_seq_one_letter_code
_entity_poly.pdbx_strand_id
1 'polypeptide(L)'
;GSTGSPPGPPGVVIVEEITESTATLSWSPATDNHSPISSYNLQARSPFSLGWQTVKTVPEVITGDMESAMAVDLNPWVEY
EFRVVATNPIGTGDPSIPSRMIRTNEAVPKTAPSNVSGRSGRRHELVIAWEPVSEEFQNGEGFGYIVAFRPNGTRGWKEK
MVTSSEASKFIYRDESVPPLTPFEVKVGVYNNKGDGPFSQIVVICSAEGEPTAAPTDVTATSVSVSEIFVVWKHVKESLG
RPQGFEISYWKDTEPEDSVETVRTRGNESFVMLTGLEGNTLYHLTVRAYNGAGYGPPSREASTTTKR
;
A,B
2 'polypeptide(L)'
;GPGSEVPTDGNAGLLAEPQIAMFCGKLNMHMNVQNGKWESDPSGTKTCIGTKEGILQYCQEVYPELQITNVVEANQPVTI
QNWCKRGRKQCKTHTHIVIPYRCLVGEFVSDALLVPDKCKFLHQERMDVCETHLHWHTVAKETCSEKSTNLHDYGMLLPC
GIDKFRGVEFVCCPLA
;
C,D
#
# COMPACT_ATOMS: atom_id res chain seq x y z
N PRO A 7 -0.77 34.48 -35.67
CA PRO A 7 -0.60 33.09 -36.10
C PRO A 7 -1.89 32.30 -36.05
N GLY A 8 -1.94 31.17 -36.76
CA GLY A 8 -3.09 30.31 -36.75
C GLY A 8 -3.20 29.56 -35.44
N PRO A 9 -4.36 28.95 -35.19
CA PRO A 9 -4.54 28.16 -33.98
C PRO A 9 -4.06 26.74 -34.17
N PRO A 10 -3.56 26.09 -33.11
CA PRO A 10 -3.22 24.67 -33.20
C PRO A 10 -4.45 23.82 -33.47
N GLY A 11 -4.20 22.57 -33.86
CA GLY A 11 -5.28 21.68 -34.25
C GLY A 11 -6.14 21.19 -33.10
N VAL A 12 -5.59 20.29 -32.30
CA VAL A 12 -6.30 19.73 -31.14
C VAL A 12 -5.27 19.02 -30.26
N VAL A 13 -5.54 18.97 -28.96
CA VAL A 13 -4.61 18.39 -28.00
C VAL A 13 -4.93 16.90 -27.84
N ILE A 14 -3.89 16.07 -27.97
CA ILE A 14 -4.01 14.63 -27.78
C ILE A 14 -3.24 14.27 -26.52
N VAL A 15 -3.97 13.86 -25.48
CA VAL A 15 -3.34 13.44 -24.22
C VAL A 15 -2.91 11.98 -24.38
N GLU A 16 -1.60 11.76 -24.35
CA GLU A 16 -1.03 10.44 -24.60
C GLU A 16 -0.81 9.65 -23.32
N GLU A 17 -0.21 10.28 -22.32
CA GLU A 17 0.09 9.62 -21.04
C GLU A 17 -0.47 10.44 -19.89
N ILE A 18 -0.93 9.75 -18.86
CA ILE A 18 -1.55 10.38 -17.70
C ILE A 18 -0.96 9.74 -16.44
N THR A 19 -0.50 10.58 -15.51
CA THR A 19 -0.02 10.09 -14.21
C THR A 19 -0.82 10.75 -13.09
N GLU A 20 -0.24 10.79 -11.90
CA GLU A 20 -0.93 11.41 -10.77
C GLU A 20 -0.93 12.93 -10.88
N SER A 21 0.19 13.51 -11.33
CA SER A 21 0.33 14.96 -11.43
C SER A 21 0.93 15.39 -12.76
N THR A 22 0.83 14.55 -13.79
CA THR A 22 1.54 14.80 -15.03
C THR A 22 0.76 14.20 -16.20
N ALA A 23 0.66 14.96 -17.28
CA ALA A 23 -0.01 14.52 -18.50
C ALA A 23 0.86 14.86 -19.70
N THR A 24 1.30 13.83 -20.43
CA THR A 24 2.08 14.03 -21.65
C THR A 24 1.12 14.17 -22.82
N LEU A 25 1.18 15.32 -23.49
CA LEU A 25 0.22 15.64 -24.54
C LEU A 25 0.95 16.24 -25.74
N SER A 26 0.37 16.03 -26.93
CA SER A 26 0.90 16.57 -28.18
C SER A 26 -0.21 17.29 -28.91
N TRP A 27 0.13 17.90 -30.04
CA TRP A 27 -0.81 18.65 -30.84
C TRP A 27 -0.26 18.85 -32.23
N SER A 28 -1.16 19.01 -33.20
CA SER A 28 -0.72 19.34 -34.55
C SER A 28 -0.31 20.80 -34.61
N PRO A 29 0.75 21.13 -35.36
CA PRO A 29 1.30 22.48 -35.31
C PRO A 29 0.37 23.51 -35.91
N ALA A 30 0.54 24.75 -35.45
CA ALA A 30 -0.23 25.88 -35.95
C ALA A 30 0.43 26.44 -37.21
N THR A 31 -0.21 27.46 -37.80
CA THR A 31 0.24 28.05 -39.04
C THR A 31 1.05 29.32 -38.76
N ASP A 32 2.25 29.37 -39.32
CA ASP A 32 3.09 30.57 -39.27
C ASP A 32 2.77 31.45 -40.48
N ASN A 33 2.29 32.67 -40.22
CA ASN A 33 1.91 33.57 -41.29
C ASN A 33 3.11 34.39 -41.77
N PRO A 36 7.17 33.43 -38.21
CA PRO A 36 7.99 32.56 -37.35
C PRO A 36 7.43 32.48 -35.94
N ILE A 37 6.97 31.33 -35.50
CA ILE A 37 6.35 31.20 -34.18
C ILE A 37 7.44 31.14 -33.12
N SER A 38 7.24 31.87 -32.02
CA SER A 38 8.24 31.90 -30.96
C SER A 38 8.07 30.74 -29.99
N SER A 39 6.84 30.49 -29.53
CA SER A 39 6.61 29.47 -28.51
C SER A 39 5.14 29.04 -28.53
N TYR A 40 4.90 27.84 -28.05
CA TYR A 40 3.56 27.35 -27.77
C TYR A 40 3.30 27.43 -26.27
N ASN A 41 2.09 27.81 -25.90
CA ASN A 41 1.69 27.92 -24.50
C ASN A 41 0.50 27.00 -24.24
N LEU A 42 0.53 26.34 -23.09
CA LEU A 42 -0.49 25.36 -22.73
C LEU A 42 -1.38 25.89 -21.62
N GLN A 43 -2.68 25.66 -21.75
CA GLN A 43 -3.66 25.99 -20.73
C GLN A 43 -4.53 24.79 -20.45
N ALA A 44 -5.04 24.72 -19.22
CA ALA A 44 -5.93 23.64 -18.82
C ALA A 44 -7.12 24.21 -18.06
N ARG A 45 -8.19 23.41 -17.99
CA ARG A 45 -9.40 23.80 -17.30
C ARG A 45 -9.98 22.59 -16.57
N SER A 46 -10.37 22.78 -15.32
CA SER A 46 -10.98 21.77 -14.48
C SER A 46 -12.29 22.33 -13.93
N PRO A 47 -13.16 21.46 -13.42
CA PRO A 47 -14.38 21.97 -12.75
C PRO A 47 -14.09 22.87 -11.56
N PHE A 48 -12.85 22.87 -11.06
CA PHE A 48 -12.46 23.71 -9.93
C PHE A 48 -11.63 24.92 -10.37
N SER A 49 -11.25 25.00 -11.64
CA SER A 49 -10.51 26.14 -12.15
C SER A 49 -11.46 27.27 -12.51
N LEU A 50 -10.99 28.50 -12.32
CA LEU A 50 -11.76 29.69 -12.67
C LEU A 50 -11.53 30.02 -14.15
N GLY A 51 -12.00 29.13 -15.00
CA GLY A 51 -11.76 29.23 -16.43
C GLY A 51 -10.45 28.57 -16.81
N TRP A 52 -10.03 28.86 -18.03
CA TRP A 52 -8.75 28.34 -18.53
C TRP A 52 -7.59 29.03 -17.83
N GLN A 53 -6.62 28.23 -17.40
CA GLN A 53 -5.44 28.74 -16.71
C GLN A 53 -4.20 28.07 -17.27
N THR A 54 -3.11 28.85 -17.32
CA THR A 54 -1.85 28.34 -17.85
C THR A 54 -1.27 27.27 -16.91
N VAL A 55 -0.52 26.35 -17.50
CA VAL A 55 0.05 25.22 -16.76
C VAL A 55 1.55 25.23 -16.91
N LYS A 56 2.24 24.69 -15.90
CA LYS A 56 3.67 24.49 -15.96
C LYS A 56 3.99 23.24 -16.78
N THR A 57 5.00 23.34 -17.63
CA THR A 57 5.29 22.29 -18.60
C THR A 57 6.76 21.91 -18.55
N VAL A 58 7.06 20.74 -19.10
CA VAL A 58 8.42 20.28 -19.32
C VAL A 58 8.60 20.06 -20.82
N PRO A 59 9.44 20.85 -21.51
CA PRO A 59 10.33 21.88 -20.97
C PRO A 59 9.61 23.13 -20.48
N GLU A 60 10.34 23.99 -19.77
CA GLU A 60 9.73 25.21 -19.23
C GLU A 60 9.20 26.10 -20.33
N VAL A 61 9.90 26.15 -21.46
CA VAL A 61 9.49 26.94 -22.62
C VAL A 61 9.36 26.00 -23.82
N ILE A 62 8.15 25.91 -24.36
CA ILE A 62 7.87 25.06 -25.51
C ILE A 62 8.17 25.87 -26.77
N THR A 63 9.29 25.58 -27.41
CA THR A 63 9.70 26.34 -28.58
C THR A 63 8.78 26.03 -29.77
N GLY A 64 8.93 26.82 -30.83
CA GLY A 64 8.03 26.72 -31.97
C GLY A 64 8.16 25.42 -32.73
N ASP A 65 9.34 24.80 -32.71
CA ASP A 65 9.53 23.54 -33.42
C ASP A 65 8.97 22.35 -32.68
N MET A 66 8.60 22.50 -31.41
CA MET A 66 8.09 21.39 -30.61
C MET A 66 6.59 21.28 -30.76
N GLU A 67 6.11 20.06 -31.03
CA GLU A 67 4.69 19.78 -31.17
C GLU A 67 4.12 19.05 -29.97
N SER A 68 4.89 18.88 -28.90
CA SER A 68 4.44 18.16 -27.73
C SER A 68 5.13 18.71 -26.50
N ALA A 69 4.52 18.45 -25.34
CA ALA A 69 5.07 18.87 -24.07
C ALA A 69 4.46 18.01 -22.97
N MET A 70 4.97 18.19 -21.76
CA MET A 70 4.53 17.41 -20.60
C MET A 70 4.04 18.37 -19.52
N ALA A 71 2.72 18.45 -19.36
CA ALA A 71 2.14 19.29 -18.33
C ALA A 71 2.36 18.66 -16.96
N VAL A 72 2.82 19.47 -15.99
CA VAL A 72 3.17 18.98 -14.68
C VAL A 72 2.39 19.78 -13.62
N ASP A 73 2.58 19.36 -12.37
CA ASP A 73 1.95 20.01 -11.21
C ASP A 73 0.42 19.99 -11.30
N LEU A 74 -0.12 18.88 -11.78
CA LEU A 74 -1.56 18.70 -11.85
C LEU A 74 -2.07 18.07 -10.55
N ASN A 75 -3.36 18.21 -10.31
CA ASN A 75 -3.85 17.62 -9.07
C ASN A 75 -4.33 16.19 -9.31
N PRO A 76 -4.03 15.27 -8.40
CA PRO A 76 -4.46 13.87 -8.59
C PRO A 76 -5.97 13.72 -8.58
N TRP A 77 -6.45 12.85 -9.47
CA TRP A 77 -7.87 12.50 -9.57
C TRP A 77 -8.73 13.75 -9.77
N VAL A 78 -8.39 14.53 -10.79
CA VAL A 78 -9.12 15.74 -11.16
C VAL A 78 -9.32 15.72 -12.66
N GLU A 79 -10.55 15.99 -13.11
CA GLU A 79 -10.82 16.05 -14.54
C GLU A 79 -10.18 17.28 -15.14
N TYR A 80 -9.49 17.10 -16.27
CA TYR A 80 -8.78 18.18 -16.92
C TYR A 80 -9.17 18.28 -18.39
N GLU A 81 -8.81 19.40 -19.00
CA GLU A 81 -9.13 19.72 -20.38
C GLU A 81 -8.10 20.71 -20.87
N PHE A 82 -7.43 20.41 -21.98
CA PHE A 82 -6.25 21.15 -22.39
C PHE A 82 -6.47 21.84 -23.74
N ARG A 83 -5.67 22.88 -23.97
CA ARG A 83 -5.67 23.60 -25.25
C ARG A 83 -4.34 24.32 -25.40
N VAL A 84 -3.94 24.53 -26.65
CA VAL A 84 -2.65 25.14 -26.98
C VAL A 84 -2.90 26.51 -27.60
N VAL A 85 -1.95 27.41 -27.39
CA VAL A 85 -1.99 28.76 -27.97
C VAL A 85 -0.64 29.05 -28.60
N ALA A 86 -0.65 29.61 -29.80
CA ALA A 86 0.56 29.97 -30.53
C ALA A 86 0.85 31.46 -30.35
N THR A 87 2.13 31.81 -30.45
CA THR A 87 2.57 33.18 -30.23
C THR A 87 3.79 33.48 -31.08
N ASN A 88 3.70 34.54 -31.89
CA ASN A 88 4.82 34.96 -32.71
C ASN A 88 5.21 36.38 -32.33
N THR A 92 0.19 36.89 -30.48
CA THR A 92 -0.56 35.72 -29.99
C THR A 92 -1.88 35.40 -30.73
N GLY A 93 -1.96 34.15 -31.21
CA GLY A 93 -3.10 33.70 -31.99
C GLY A 93 -4.19 33.09 -31.13
N ASP A 94 -5.21 32.55 -31.80
CA ASP A 94 -6.35 31.91 -31.16
C ASP A 94 -5.96 30.56 -30.55
N PRO A 95 -6.65 30.15 -29.49
CA PRO A 95 -6.35 28.84 -28.89
C PRO A 95 -6.87 27.71 -29.76
N SER A 96 -6.42 26.50 -29.42
CA SER A 96 -6.78 25.31 -30.18
C SER A 96 -8.15 24.80 -29.72
N ILE A 97 -8.59 23.71 -30.36
CA ILE A 97 -9.83 23.05 -29.94
C ILE A 97 -9.59 22.33 -28.63
N PRO A 98 -10.48 22.46 -27.64
CA PRO A 98 -10.26 21.80 -26.35
C PRO A 98 -10.15 20.28 -26.50
N SER A 99 -9.25 19.69 -25.72
CA SER A 99 -9.05 18.26 -25.77
C SER A 99 -10.19 17.53 -25.08
N ARG A 100 -10.15 16.20 -25.14
CA ARG A 100 -11.13 15.39 -24.44
C ARG A 100 -10.95 15.49 -22.94
N MET A 101 -12.03 15.27 -22.21
CA MET A 101 -11.99 15.31 -20.75
C MET A 101 -11.25 14.10 -20.22
N ILE A 102 -10.09 14.32 -19.62
CA ILE A 102 -9.31 13.24 -19.02
C ILE A 102 -9.43 13.37 -17.50
N ARG A 103 -8.77 12.47 -16.77
CA ARG A 103 -8.71 12.56 -15.32
C ARG A 103 -7.38 11.99 -14.85
N THR A 104 -6.68 12.74 -14.00
CA THR A 104 -5.40 12.29 -13.50
C THR A 104 -5.57 11.04 -12.62
N ASN A 105 -4.47 10.32 -12.45
CA ASN A 105 -4.51 9.08 -11.68
C ASN A 105 -4.73 9.37 -10.19
N GLU A 106 -5.15 8.34 -9.47
CA GLU A 106 -5.44 8.49 -8.05
C GLU A 106 -4.15 8.59 -7.24
N ALA A 107 -4.27 9.22 -6.07
CA ALA A 107 -3.16 9.32 -5.13
C ALA A 107 -3.74 9.39 -3.72
N VAL A 108 -2.86 9.24 -2.75
CA VAL A 108 -3.26 9.34 -1.34
C VAL A 108 -3.69 10.78 -1.09
N PRO A 109 -4.62 11.04 -0.15
CA PRO A 109 -5.03 12.42 0.09
C PRO A 109 -3.98 13.17 0.90
N LYS A 110 -3.83 14.46 0.58
CA LYS A 110 -2.83 15.30 1.22
C LYS A 110 -3.44 16.50 1.94
N THR A 111 -4.77 16.62 1.96
CA THR A 111 -5.44 17.78 2.53
C THR A 111 -6.38 17.32 3.64
N ALA A 112 -6.10 17.74 4.87
CA ALA A 112 -6.96 17.49 6.02
C ALA A 112 -8.06 18.55 6.10
N PRO A 113 -9.24 18.22 6.62
CA PRO A 113 -10.31 19.21 6.69
C PRO A 113 -9.98 20.33 7.67
N SER A 114 -10.47 21.51 7.34
CA SER A 114 -10.25 22.70 8.16
C SER A 114 -11.45 22.96 9.07
N ASN A 115 -11.22 23.84 10.05
CA ASN A 115 -12.25 24.27 11.00
C ASN A 115 -12.84 23.06 11.75
N VAL A 116 -11.96 22.30 12.39
CA VAL A 116 -12.38 21.21 13.27
C VAL A 116 -12.87 21.83 14.57
N SER A 117 -14.18 21.80 14.80
CA SER A 117 -14.79 22.48 15.92
C SER A 117 -15.91 21.60 16.48
N GLY A 118 -16.64 22.15 17.46
CA GLY A 118 -17.75 21.47 18.08
C GLY A 118 -19.06 22.19 17.82
N ARG A 119 -20.15 21.50 18.16
CA ARG A 119 -21.50 22.04 17.97
C ARG A 119 -22.32 21.76 19.23
N SER A 120 -23.51 22.35 19.28
CA SER A 120 -24.43 22.09 20.39
C SER A 120 -25.06 20.71 20.23
N GLY A 121 -25.28 20.05 21.35
CA GLY A 121 -25.83 18.71 21.33
C GLY A 121 -26.53 18.35 22.61
N ARG A 122 -26.82 17.05 22.75
CA ARG A 122 -27.52 16.56 23.92
C ARG A 122 -26.55 16.28 25.06
N ARG A 123 -27.11 15.94 26.23
CA ARG A 123 -26.34 15.94 27.48
C ARG A 123 -25.19 14.94 27.48
N HIS A 124 -25.21 13.94 26.60
CA HIS A 124 -24.13 12.95 26.56
C HIS A 124 -23.60 12.78 25.14
N GLU A 125 -23.72 13.81 24.31
CA GLU A 125 -23.24 13.78 22.94
C GLU A 125 -21.98 14.63 22.80
N LEU A 126 -20.99 14.10 22.10
CA LEU A 126 -19.81 14.85 21.70
C LEU A 126 -19.94 15.11 20.21
N VAL A 127 -20.36 16.32 19.86
CA VAL A 127 -20.65 16.69 18.48
C VAL A 127 -19.39 17.33 17.90
N ILE A 128 -18.74 16.60 16.99
CA ILE A 128 -17.54 17.08 16.30
C ILE A 128 -17.94 17.49 14.89
N ALA A 129 -17.39 18.60 14.41
CA ALA A 129 -17.71 19.10 13.08
C ALA A 129 -16.43 19.53 12.37
N TRP A 130 -16.52 19.65 11.05
CA TRP A 130 -15.39 20.04 10.22
C TRP A 130 -15.91 20.51 8.87
N GLU A 131 -15.08 21.30 8.20
CA GLU A 131 -15.41 21.75 6.85
C GLU A 131 -15.08 20.64 5.86
N PRO A 132 -16.03 20.20 5.03
CA PRO A 132 -15.74 19.10 4.09
C PRO A 132 -14.69 19.50 3.07
N VAL A 133 -14.02 18.48 2.54
CA VAL A 133 -12.99 18.65 1.52
C VAL A 133 -13.62 18.39 0.15
N SER A 134 -13.43 19.32 -0.78
CA SER A 134 -13.97 19.17 -2.12
C SER A 134 -13.23 18.06 -2.88
N GLU A 135 -13.84 17.62 -3.97
CA GLU A 135 -13.23 16.59 -4.81
C GLU A 135 -11.88 17.01 -5.35
N GLU A 136 -11.60 18.32 -5.40
CA GLU A 136 -10.32 18.80 -5.91
C GLU A 136 -9.16 18.31 -5.05
N PHE A 137 -9.41 18.08 -3.76
CA PHE A 137 -8.35 17.67 -2.84
C PHE A 137 -8.63 16.31 -2.20
N GLN A 138 -9.58 15.53 -2.72
CA GLN A 138 -9.79 14.18 -2.23
C GLN A 138 -8.78 13.20 -2.81
N ASN A 139 -8.32 13.46 -4.03
CA ASN A 139 -7.22 12.75 -4.71
C ASN A 139 -7.55 11.30 -5.05
N GLY A 140 -8.78 10.85 -4.86
CA GLY A 140 -9.11 9.48 -5.23
C GLY A 140 -10.54 9.14 -4.88
N GLU A 141 -10.96 7.96 -5.36
CA GLU A 141 -12.27 7.42 -5.10
C GLU A 141 -12.31 6.77 -3.71
N GLY A 142 -13.50 6.67 -3.15
CA GLY A 142 -13.64 6.10 -1.83
C GLY A 142 -13.13 7.01 -0.73
N PHE A 143 -13.22 8.32 -0.93
CA PHE A 143 -12.71 9.27 0.04
C PHE A 143 -13.59 9.29 1.29
N GLY A 144 -12.94 9.52 2.43
CA GLY A 144 -13.65 9.57 3.70
C GLY A 144 -12.82 10.26 4.75
N TYR A 145 -13.35 10.28 5.97
CA TYR A 145 -12.71 10.93 7.10
C TYR A 145 -12.52 9.94 8.24
N ILE A 146 -11.50 10.20 9.07
CA ILE A 146 -11.22 9.40 10.25
C ILE A 146 -11.27 10.35 11.44
N VAL A 147 -12.32 10.23 12.25
CA VAL A 147 -12.51 11.10 13.41
C VAL A 147 -11.90 10.43 14.63
N ALA A 148 -10.86 11.05 15.18
CA ALA A 148 -10.18 10.57 16.37
C ALA A 148 -10.40 11.55 17.51
N PHE A 149 -10.71 11.02 18.70
CA PHE A 149 -10.98 11.85 19.86
C PHE A 149 -10.58 11.10 21.13
N ARG A 150 -10.21 11.87 22.15
CA ARG A 150 -9.81 11.31 23.43
C ARG A 150 -10.04 12.36 24.50
N PRO A 151 -10.31 11.95 25.74
CA PRO A 151 -10.40 12.93 26.82
C PRO A 151 -9.07 13.67 26.99
N ASN A 152 -9.16 14.97 27.26
CA ASN A 152 -7.97 15.82 27.31
C ASN A 152 -7.00 15.33 28.36
N GLY A 153 -5.79 14.99 27.94
CA GLY A 153 -4.76 14.48 28.81
C GLY A 153 -4.51 12.99 28.70
N THR A 154 -5.48 12.23 28.20
CA THR A 154 -5.32 10.79 28.09
C THR A 154 -4.37 10.44 26.94
N ARG A 155 -4.06 9.15 26.84
CA ARG A 155 -3.07 8.65 25.87
C ARG A 155 -3.72 8.09 24.61
N GLY A 156 -4.51 7.03 24.74
CA GLY A 156 -5.10 6.38 23.59
C GLY A 156 -6.13 7.26 22.90
N TRP A 157 -6.62 6.74 21.77
CA TRP A 157 -7.60 7.44 20.94
C TRP A 157 -8.79 6.54 20.66
N LYS A 158 -9.96 7.15 20.51
CA LYS A 158 -11.14 6.50 19.95
C LYS A 158 -11.32 7.02 18.53
N GLU A 159 -11.32 6.12 17.56
CA GLU A 159 -11.35 6.50 16.16
C GLU A 159 -12.62 5.97 15.49
N LYS A 160 -13.21 6.80 14.64
CA LYS A 160 -14.45 6.48 13.93
C LYS A 160 -14.27 6.79 12.46
N MET A 161 -14.70 5.87 11.60
CA MET A 161 -14.57 6.04 10.16
C MET A 161 -15.86 6.60 9.59
N VAL A 162 -15.76 7.76 8.96
CA VAL A 162 -16.90 8.42 8.31
C VAL A 162 -16.72 8.25 6.81
N THR A 163 -17.52 7.36 6.22
CA THR A 163 -17.34 6.97 4.83
C THR A 163 -17.96 7.94 3.83
N SER A 164 -18.77 8.88 4.29
CA SER A 164 -19.39 9.86 3.39
C SER A 164 -18.42 10.99 3.11
N SER A 165 -18.15 11.25 1.83
CA SER A 165 -17.21 12.30 1.47
C SER A 165 -17.78 13.69 1.74
N GLU A 166 -19.11 13.82 1.70
CA GLU A 166 -19.76 15.10 1.96
C GLU A 166 -20.10 15.32 3.43
N ALA A 167 -19.76 14.38 4.30
CA ALA A 167 -20.10 14.52 5.71
C ALA A 167 -19.31 15.65 6.36
N SER A 168 -19.97 16.41 7.21
CA SER A 168 -19.36 17.57 7.86
C SER A 168 -19.36 17.49 9.38
N LYS A 169 -19.99 16.48 9.97
CA LYS A 169 -20.00 16.36 11.42
C LYS A 169 -20.24 14.90 11.80
N PHE A 170 -19.97 14.61 13.08
CA PHE A 170 -20.16 13.27 13.64
C PHE A 170 -20.50 13.41 15.12
N ILE A 171 -21.45 12.60 15.58
CA ILE A 171 -21.95 12.65 16.95
C ILE A 171 -21.61 11.33 17.62
N TYR A 172 -20.91 11.42 18.76
CA TYR A 172 -20.59 10.25 19.57
C TYR A 172 -21.40 10.31 20.86
N ARG A 173 -22.07 9.22 21.19
CA ARG A 173 -22.94 9.14 22.36
C ARG A 173 -22.30 8.23 23.39
N ASP A 174 -22.04 8.76 24.59
CA ASP A 174 -21.43 8.00 25.68
C ASP A 174 -22.10 8.43 26.98
N GLU A 175 -22.83 7.51 27.61
CA GLU A 175 -23.52 7.83 28.86
C GLU A 175 -22.56 8.03 30.02
N SER A 176 -21.33 7.53 29.91
CA SER A 176 -20.36 7.66 30.99
C SER A 176 -19.61 8.99 30.94
N VAL A 177 -19.69 9.72 29.84
CA VAL A 177 -18.99 11.00 29.69
C VAL A 177 -19.88 12.09 30.23
N PRO A 178 -19.46 12.83 31.26
CA PRO A 178 -20.29 13.91 31.79
C PRO A 178 -20.28 15.11 30.86
N PRO A 179 -21.25 16.02 31.01
CA PRO A 179 -21.28 17.20 30.13
C PRO A 179 -20.07 18.09 30.33
N LEU A 180 -19.76 18.86 29.29
CA LEU A 180 -18.68 19.85 29.31
C LEU A 180 -17.32 19.21 29.56
N THR A 181 -17.13 17.98 29.08
CA THR A 181 -15.83 17.33 29.21
C THR A 181 -14.95 17.67 28.02
N PRO A 182 -13.74 18.19 28.23
CA PRO A 182 -12.88 18.55 27.11
C PRO A 182 -12.27 17.34 26.45
N PHE A 183 -12.29 17.33 25.12
CA PHE A 183 -11.79 16.22 24.32
C PHE A 183 -10.81 16.76 23.27
N GLU A 184 -9.64 16.14 23.20
CA GLU A 184 -8.71 16.38 22.10
C GLU A 184 -9.19 15.63 20.86
N VAL A 185 -9.32 16.34 19.75
CA VAL A 185 -9.98 15.81 18.55
C VAL A 185 -9.08 16.01 17.34
N LYS A 186 -8.91 14.95 16.56
CA LYS A 186 -8.28 15.01 15.25
C LYS A 186 -9.25 14.46 14.20
N VAL A 187 -9.19 15.00 13.00
CA VAL A 187 -9.99 14.53 11.87
C VAL A 187 -9.07 14.32 10.68
N GLY A 188 -8.86 13.07 10.30
CA GLY A 188 -8.01 12.73 9.19
C GLY A 188 -8.80 12.42 7.92
N VAL A 189 -8.06 12.05 6.88
CA VAL A 189 -8.65 11.74 5.58
C VAL A 189 -8.04 10.44 5.05
N TYR A 190 -8.76 9.84 4.09
CA TYR A 190 -8.31 8.62 3.45
C TYR A 190 -9.04 8.48 2.12
N ASN A 191 -8.54 7.56 1.29
CA ASN A 191 -9.23 7.17 0.07
C ASN A 191 -8.83 5.73 -0.26
N ASN A 192 -9.13 5.30 -1.48
CA ASN A 192 -8.85 3.92 -1.87
C ASN A 192 -7.35 3.62 -1.88
N LYS A 193 -6.53 4.60 -2.24
CA LYS A 193 -5.10 4.34 -2.39
C LYS A 193 -4.33 4.40 -1.07
N GLY A 194 -4.94 4.86 0.00
CA GLY A 194 -4.28 4.87 1.29
C GLY A 194 -4.80 5.99 2.17
N ASP A 195 -4.21 6.07 3.36
CA ASP A 195 -4.61 7.08 4.34
C ASP A 195 -3.94 8.42 4.04
N GLY A 196 -4.51 9.47 4.61
CA GLY A 196 -3.96 10.80 4.49
C GLY A 196 -3.56 11.36 5.84
N PRO A 197 -3.31 12.67 5.89
CA PRO A 197 -2.89 13.29 7.15
C PRO A 197 -4.07 13.58 8.07
N PHE A 198 -3.74 13.77 9.34
CA PHE A 198 -4.70 14.21 10.35
C PHE A 198 -4.63 15.71 10.51
N SER A 199 -5.73 16.29 10.98
CA SER A 199 -5.75 17.70 11.29
C SER A 199 -5.01 17.97 12.61
N GLN A 200 -4.69 19.23 12.86
CA GLN A 200 -4.08 19.61 14.12
C GLN A 200 -5.06 19.41 15.26
N ILE A 201 -4.53 19.00 16.41
CA ILE A 201 -5.36 18.67 17.55
C ILE A 201 -6.09 19.91 18.05
N VAL A 202 -7.42 19.82 18.14
CA VAL A 202 -8.24 20.85 18.75
C VAL A 202 -8.92 20.27 19.97
N VAL A 203 -9.33 21.15 20.87
CA VAL A 203 -9.97 20.77 22.13
C VAL A 203 -11.39 21.32 22.12
N ILE A 204 -12.37 20.42 22.14
CA ILE A 204 -13.78 20.81 22.17
C ILE A 204 -14.45 20.10 23.34
N CYS A 205 -15.40 20.79 23.96
CA CYS A 205 -16.14 20.24 25.08
C CYS A 205 -17.39 19.52 24.60
N SER A 206 -17.87 18.61 25.43
CA SER A 206 -19.02 17.78 25.07
C SER A 206 -20.31 18.36 25.63
N ALA A 207 -21.40 18.12 24.89
CA ALA A 207 -22.75 18.23 25.40
C ALA A 207 -23.17 19.67 25.74
N GLU A 208 -23.37 19.94 27.03
CA GLU A 208 -24.15 21.09 27.49
C GLU A 208 -25.52 21.06 26.84
N GLY A 209 -26.40 20.19 27.33
CA GLY A 209 -27.73 20.02 26.78
C GLY A 209 -28.66 21.20 26.98
N GLU A 210 -29.96 20.96 26.84
CA GLU A 210 -30.95 22.02 27.05
C GLU A 210 -30.88 22.50 28.50
N PRO A 211 -31.23 23.76 28.75
CA PRO A 211 -31.29 24.24 30.13
C PRO A 211 -32.28 23.43 30.95
N THR A 212 -31.83 22.95 32.11
CA THR A 212 -32.62 22.04 32.92
C THR A 212 -33.40 22.72 34.03
N ALA A 213 -33.01 23.93 34.44
CA ALA A 213 -33.65 24.64 35.54
C ALA A 213 -34.50 25.77 34.99
N ALA A 214 -35.68 25.95 35.59
CA ALA A 214 -36.59 27.02 35.25
C ALA A 214 -36.24 28.29 36.03
N PRO A 215 -36.51 29.47 35.47
CA PRO A 215 -36.25 30.71 36.22
C PRO A 215 -37.10 30.77 37.48
N THR A 216 -36.53 31.35 38.53
CA THR A 216 -37.19 31.48 39.81
C THR A 216 -37.35 32.96 40.17
N ASP A 217 -38.30 33.22 41.06
CA ASP A 217 -38.56 34.58 41.55
C ASP A 217 -38.90 35.54 40.42
N VAL A 218 -39.70 35.08 39.47
CA VAL A 218 -40.09 35.90 38.32
C VAL A 218 -41.00 37.02 38.84
N THR A 219 -40.50 38.25 38.81
CA THR A 219 -41.21 39.42 39.32
C THR A 219 -41.55 40.34 38.16
N ALA A 220 -42.85 40.48 37.88
CA ALA A 220 -43.34 41.42 36.89
C ALA A 220 -43.98 42.61 37.59
N THR A 221 -43.72 43.81 37.09
CA THR A 221 -44.25 45.03 37.69
C THR A 221 -44.65 46.00 36.60
N SER A 222 -45.82 46.61 36.75
CA SER A 222 -46.28 47.59 35.79
C SER A 222 -45.45 48.87 35.89
N VAL A 223 -45.03 49.38 34.74
CA VAL A 223 -44.18 50.56 34.67
C VAL A 223 -44.93 51.75 34.11
N SER A 224 -45.63 51.56 33.00
CA SER A 224 -46.46 52.61 32.41
C SER A 224 -47.79 51.99 32.02
N VAL A 225 -48.53 52.66 31.13
CA VAL A 225 -49.77 52.12 30.62
C VAL A 225 -49.55 51.10 29.50
N SER A 226 -48.33 51.00 28.98
CA SER A 226 -48.04 50.03 27.93
C SER A 226 -46.75 49.26 28.18
N GLU A 227 -46.14 49.39 29.35
CA GLU A 227 -44.86 48.76 29.62
C GLU A 227 -44.91 48.00 30.95
N ILE A 228 -44.29 46.82 30.96
CA ILE A 228 -44.18 46.00 32.15
C ILE A 228 -42.75 45.48 32.24
N PHE A 229 -42.12 45.67 33.40
CA PHE A 229 -40.75 45.23 33.61
C PHE A 229 -40.76 43.88 34.31
N VAL A 230 -39.98 42.94 33.78
CA VAL A 230 -39.88 41.58 34.30
C VAL A 230 -38.45 41.31 34.70
N VAL A 231 -38.27 40.53 35.76
CA VAL A 231 -36.93 40.20 36.26
C VAL A 231 -37.00 38.82 36.92
N TRP A 232 -35.95 38.04 36.74
CA TRP A 232 -35.88 36.68 37.27
C TRP A 232 -34.48 36.45 37.81
N LYS A 233 -34.13 35.19 38.03
CA LYS A 233 -32.80 34.82 38.51
C LYS A 233 -32.32 33.54 37.84
N SER A 238 -26.40 26.29 36.51
CA SER A 238 -27.19 25.07 36.38
C SER A 238 -26.49 24.07 35.47
N LEU A 239 -27.26 23.08 35.00
CA LEU A 239 -26.69 22.07 34.11
C LEU A 239 -26.52 22.61 32.70
N GLY A 240 -27.61 23.13 32.11
CA GLY A 240 -27.56 23.71 30.78
C GLY A 240 -27.43 25.21 30.85
N ARG A 241 -26.32 25.72 30.32
CA ARG A 241 -26.07 27.16 30.36
C ARG A 241 -27.12 27.89 29.52
N PRO A 242 -27.66 29.01 30.04
CA PRO A 242 -28.63 29.78 29.26
C PRO A 242 -27.93 30.73 28.29
N GLN A 243 -28.31 30.65 27.02
CA GLN A 243 -27.90 31.62 26.02
C GLN A 243 -28.86 32.78 25.91
N GLY A 244 -30.04 32.67 26.53
CA GLY A 244 -31.04 33.70 26.48
C GLY A 244 -32.33 33.18 27.07
N PHE A 245 -33.27 34.09 27.27
CA PHE A 245 -34.56 33.75 27.85
C PHE A 245 -35.69 34.19 26.93
N GLU A 246 -36.66 33.30 26.74
CA GLU A 246 -37.87 33.60 25.98
C GLU A 246 -39.03 33.75 26.94
N ILE A 247 -39.80 34.82 26.78
CA ILE A 247 -40.86 35.19 27.70
C ILE A 247 -42.19 35.20 26.94
N SER A 248 -43.15 34.43 27.42
CA SER A 248 -44.48 34.36 26.84
C SER A 248 -45.47 35.10 27.72
N TYR A 249 -46.29 35.95 27.10
CA TYR A 249 -47.27 36.74 27.85
C TYR A 249 -48.61 36.70 27.13
N TRP A 250 -49.68 36.51 27.89
CA TRP A 250 -51.02 36.48 27.36
C TRP A 250 -51.95 37.28 28.25
N LYS A 251 -52.99 37.83 27.64
CA LYS A 251 -54.02 38.55 28.37
C LYS A 251 -55.24 37.63 28.54
N ASP A 252 -56.30 38.15 29.15
CA ASP A 252 -57.51 37.36 29.37
C ASP A 252 -58.66 37.84 28.50
N SER A 258 -54.01 34.97 21.76
CA SER A 258 -53.29 36.22 21.95
C SER A 258 -51.90 35.97 22.53
N VAL A 259 -51.40 34.74 22.35
CA VAL A 259 -50.10 34.37 22.89
C VAL A 259 -49.01 35.09 22.11
N GLU A 260 -48.08 35.71 22.84
CA GLU A 260 -46.98 36.44 22.23
C GLU A 260 -45.69 36.09 22.96
N THR A 261 -44.65 35.76 22.20
CA THR A 261 -43.34 35.43 22.76
C THR A 261 -42.35 36.54 22.43
N VAL A 262 -41.46 36.81 23.38
CA VAL A 262 -40.37 37.77 23.19
C VAL A 262 -39.11 37.17 23.84
N ARG A 263 -37.96 37.76 23.51
CA ARG A 263 -36.68 37.25 23.98
C ARG A 263 -35.87 38.38 24.59
N THR A 264 -34.77 38.00 25.24
CA THR A 264 -33.91 38.93 25.95
C THR A 264 -32.84 39.50 25.03
N ARG A 265 -32.10 40.48 25.55
CA ARG A 265 -30.94 41.04 24.86
C ARG A 265 -29.69 40.29 25.31
N GLY A 266 -29.64 39.02 24.92
CA GLY A 266 -28.57 38.15 25.34
C GLY A 266 -28.88 37.46 26.65
N ASN A 267 -27.82 37.02 27.33
CA ASN A 267 -27.94 36.31 28.61
C ASN A 267 -28.06 37.34 29.73
N GLU A 268 -29.26 37.90 29.86
CA GLU A 268 -29.59 38.84 30.92
C GLU A 268 -30.76 38.29 31.72
N SER A 269 -31.07 38.97 32.82
CA SER A 269 -32.06 38.50 33.79
C SER A 269 -33.32 39.37 33.81
N PHE A 270 -33.67 39.97 32.66
CA PHE A 270 -34.76 40.94 32.67
C PHE A 270 -35.17 41.25 31.24
N VAL A 271 -36.43 41.68 31.09
CA VAL A 271 -36.96 42.25 29.86
C VAL A 271 -37.93 43.35 30.21
N MET A 272 -38.30 44.14 29.20
CA MET A 272 -39.30 45.20 29.34
C MET A 272 -40.30 45.04 28.21
N LEU A 273 -41.49 44.51 28.53
CA LEU A 273 -42.54 44.36 27.53
C LEU A 273 -43.09 45.73 27.15
N THR A 274 -43.22 45.98 25.85
CA THR A 274 -43.71 47.25 25.34
C THR A 274 -44.87 47.02 24.40
N GLY A 275 -45.65 48.08 24.19
CA GLY A 275 -46.80 48.01 23.31
C GLY A 275 -47.99 47.27 23.85
N LEU A 276 -48.16 47.28 25.17
CA LEU A 276 -49.27 46.59 25.81
C LEU A 276 -50.47 47.52 25.97
N GLU A 277 -51.61 46.93 26.31
CA GLU A 277 -52.85 47.69 26.47
C GLU A 277 -52.93 48.27 27.88
N GLY A 278 -53.58 49.43 27.98
CA GLY A 278 -53.65 50.14 29.25
C GLY A 278 -54.70 49.55 30.18
N ASN A 279 -54.35 49.49 31.46
CA ASN A 279 -55.23 48.98 32.51
C ASN A 279 -55.74 47.58 32.17
N THR A 280 -54.80 46.71 31.76
CA THR A 280 -55.12 45.36 31.30
C THR A 280 -54.28 44.36 32.07
N LEU A 281 -54.93 43.26 32.49
CA LEU A 281 -54.25 42.21 33.21
C LEU A 281 -53.52 41.27 32.25
N TYR A 282 -52.22 41.09 32.47
CA TYR A 282 -51.39 40.21 31.66
C TYR A 282 -50.82 39.09 32.52
N HIS A 283 -50.77 37.89 31.98
CA HIS A 283 -50.09 36.76 32.59
C HIS A 283 -48.80 36.49 31.84
N LEU A 284 -47.85 35.85 32.52
CA LEU A 284 -46.49 35.80 32.01
C LEU A 284 -45.76 34.56 32.52
N THR A 285 -44.94 33.97 31.64
CA THR A 285 -44.04 32.88 31.99
C THR A 285 -42.71 33.09 31.28
N VAL A 286 -41.63 32.62 31.90
CA VAL A 286 -40.29 32.78 31.38
C VAL A 286 -39.60 31.42 31.32
N ARG A 287 -38.81 31.20 30.28
CA ARG A 287 -38.01 29.99 30.15
C ARG A 287 -36.73 30.30 29.40
N ALA A 288 -35.67 29.59 29.74
CA ALA A 288 -34.35 29.80 29.14
C ALA A 288 -34.18 28.94 27.89
N TYR A 289 -33.15 29.26 27.11
CA TYR A 289 -32.85 28.50 25.91
C TYR A 289 -31.36 28.59 25.60
N ASN A 290 -30.88 27.65 24.81
CA ASN A 290 -29.54 27.68 24.26
C ASN A 290 -29.57 26.97 22.91
N GLY A 291 -28.40 26.61 22.38
CA GLY A 291 -28.38 25.96 21.08
C GLY A 291 -29.01 24.58 21.08
N ALA A 292 -29.18 23.97 22.24
CA ALA A 292 -29.74 22.63 22.27
C ALA A 292 -31.26 22.64 22.30
N GLY A 293 -31.86 23.65 22.92
CA GLY A 293 -33.31 23.74 22.97
C GLY A 293 -33.73 24.67 24.09
N TYR A 294 -34.97 24.50 24.52
CA TYR A 294 -35.57 25.31 25.57
C TYR A 294 -35.51 24.59 26.92
N GLY A 295 -35.80 25.35 27.98
CA GLY A 295 -35.85 24.82 29.31
C GLY A 295 -37.27 24.77 29.83
N PRO A 296 -37.44 24.38 31.09
CA PRO A 296 -38.78 24.33 31.68
C PRO A 296 -39.30 25.72 31.98
N PRO A 297 -40.61 25.93 31.87
CA PRO A 297 -41.17 27.26 32.15
C PRO A 297 -41.11 27.59 33.63
N SER A 298 -41.16 28.89 33.92
CA SER A 298 -41.15 29.39 35.27
C SER A 298 -42.57 29.49 35.82
N ARG A 299 -42.68 29.86 37.09
CA ARG A 299 -43.99 30.09 37.68
C ARG A 299 -44.67 31.28 37.03
N GLU A 300 -45.99 31.22 36.93
CA GLU A 300 -46.76 32.24 36.22
C GLU A 300 -46.84 33.51 37.05
N ALA A 301 -46.34 34.61 36.50
CA ALA A 301 -46.44 35.92 37.10
C ALA A 301 -47.48 36.75 36.35
N SER A 302 -48.01 37.77 37.02
CA SER A 302 -49.09 38.55 36.43
C SER A 302 -49.19 39.90 37.12
N THR A 303 -49.42 40.94 36.32
CA THR A 303 -49.67 42.28 36.83
C THR A 303 -50.58 43.00 35.85
N THR A 304 -51.06 44.18 36.25
CA THR A 304 -52.02 44.95 35.47
C THR A 304 -51.43 46.32 35.17
N THR A 305 -51.47 46.70 33.89
CA THR A 305 -50.97 48.01 33.47
C THR A 305 -51.79 49.14 34.07
N PRO B 18 -29.75 -4.74 21.42
CA PRO B 18 -30.55 -5.84 20.88
C PRO B 18 -29.71 -6.88 20.16
N GLN B 19 -29.82 -8.14 20.59
CA GLN B 19 -29.02 -9.22 20.01
C GLN B 19 -29.67 -10.55 20.34
N ILE B 20 -29.35 -11.55 19.52
CA ILE B 20 -29.87 -12.90 19.73
C ILE B 20 -28.72 -13.89 19.83
N LEU B 27 -33.30 -24.01 22.21
CA LEU B 27 -34.05 -22.79 21.88
C LEU B 27 -33.12 -21.66 21.50
N ASN B 28 -33.72 -20.48 21.28
CA ASN B 28 -32.99 -19.25 21.02
C ASN B 28 -33.25 -18.27 22.14
N MET B 29 -32.23 -17.50 22.49
CA MET B 29 -32.32 -16.51 23.57
C MET B 29 -31.95 -15.14 23.03
N HIS B 30 -32.51 -14.10 23.66
CA HIS B 30 -32.32 -12.74 23.20
C HIS B 30 -32.07 -11.82 24.39
N MET B 31 -31.50 -10.66 24.10
CA MET B 31 -31.15 -9.67 25.11
C MET B 31 -32.35 -8.77 25.41
N ASN B 32 -32.71 -8.68 26.69
CA ASN B 32 -33.75 -7.75 27.12
C ASN B 32 -33.13 -6.36 27.21
N VAL B 33 -33.46 -5.49 26.25
CA VAL B 33 -32.90 -4.15 26.21
C VAL B 33 -33.40 -3.25 27.33
N GLN B 34 -34.42 -3.67 28.07
CA GLN B 34 -34.94 -2.88 29.17
C GLN B 34 -34.34 -3.28 30.51
N ASN B 35 -34.04 -4.56 30.69
CA ASN B 35 -33.46 -5.06 31.94
C ASN B 35 -31.97 -5.32 31.84
N GLY B 36 -31.49 -5.82 30.70
CA GLY B 36 -30.10 -6.16 30.53
C GLY B 36 -29.75 -7.61 30.74
N LYS B 37 -30.72 -8.52 30.68
CA LYS B 37 -30.48 -9.94 30.87
C LYS B 37 -31.02 -10.71 29.66
N TRP B 38 -30.71 -12.00 29.61
CA TRP B 38 -31.08 -12.85 28.49
C TRP B 38 -32.39 -13.56 28.78
N GLU B 39 -33.32 -13.48 27.84
CA GLU B 39 -34.60 -14.17 27.91
C GLU B 39 -34.71 -15.20 26.80
N SER B 40 -35.49 -16.25 27.06
CA SER B 40 -35.66 -17.33 26.10
C SER B 40 -36.55 -16.88 24.94
N ASP B 41 -36.85 -17.81 24.04
CA ASP B 41 -37.68 -17.51 22.89
C ASP B 41 -39.08 -17.08 23.35
N PRO B 42 -39.63 -15.99 22.81
CA PRO B 42 -40.95 -15.53 23.28
C PRO B 42 -42.04 -16.58 23.09
N SER B 43 -42.04 -17.29 21.97
CA SER B 43 -43.03 -18.34 21.76
C SER B 43 -42.66 -19.65 22.43
N GLY B 44 -41.39 -19.80 22.82
CA GLY B 44 -40.95 -21.05 23.43
C GLY B 44 -40.82 -22.21 22.47
N THR B 45 -40.60 -21.93 21.19
CA THR B 45 -40.49 -22.97 20.17
C THR B 45 -39.32 -22.81 19.22
N LYS B 46 -38.75 -21.62 19.09
CA LYS B 46 -37.70 -21.38 18.09
C LYS B 46 -36.35 -21.84 18.61
N THR B 47 -35.75 -22.81 17.92
CA THR B 47 -34.41 -23.28 18.20
C THR B 47 -33.55 -23.13 16.95
N CYS B 48 -32.25 -23.30 17.13
CA CYS B 48 -31.21 -23.22 16.09
C CYS B 48 -31.66 -22.78 14.71
N ILE B 55 -32.11 -15.60 10.71
CA ILE B 55 -31.43 -14.85 11.75
C ILE B 55 -31.92 -13.41 11.77
N LEU B 56 -31.94 -12.79 10.59
CA LEU B 56 -32.42 -11.41 10.49
C LEU B 56 -33.91 -11.33 10.77
N GLN B 57 -34.69 -12.27 10.23
CA GLN B 57 -36.13 -12.28 10.52
C GLN B 57 -36.41 -12.55 11.99
N TYR B 58 -35.57 -13.37 12.64
CA TYR B 58 -35.76 -13.64 14.06
C TYR B 58 -35.45 -12.40 14.91
N CYS B 59 -34.46 -11.61 14.49
CA CYS B 59 -34.20 -10.34 15.17
C CYS B 59 -35.41 -9.42 15.10
N GLN B 60 -36.05 -9.34 13.94
CA GLN B 60 -37.19 -8.45 13.77
C GLN B 60 -38.40 -8.93 14.57
N GLU B 61 -38.60 -10.25 14.63
CA GLU B 61 -39.72 -10.77 15.41
C GLU B 61 -39.48 -10.64 16.92
N VAL B 62 -38.22 -10.67 17.34
CA VAL B 62 -37.91 -10.51 18.76
C VAL B 62 -38.04 -9.05 19.19
N TYR B 63 -37.59 -8.12 18.34
CA TYR B 63 -37.68 -6.69 18.61
C TYR B 63 -38.58 -6.05 17.55
N PRO B 64 -39.90 -6.21 17.67
CA PRO B 64 -40.79 -5.61 16.68
C PRO B 64 -40.87 -4.10 16.77
N GLU B 65 -40.54 -3.52 17.93
CA GLU B 65 -40.54 -2.06 18.07
C GLU B 65 -39.32 -1.41 17.46
N LEU B 66 -38.33 -2.19 17.03
CA LEU B 66 -37.10 -1.67 16.43
C LEU B 66 -37.07 -1.98 14.94
N GLN B 67 -36.33 -1.16 14.20
CA GLN B 67 -36.17 -1.33 12.76
C GLN B 67 -34.86 -2.09 12.53
N ILE B 68 -34.96 -3.42 12.54
CA ILE B 68 -33.78 -4.26 12.33
C ILE B 68 -33.52 -4.36 10.84
N THR B 69 -32.36 -3.85 10.40
CA THR B 69 -32.01 -3.84 8.99
C THR B 69 -30.95 -4.87 8.62
N ASN B 70 -30.15 -5.33 9.58
CA ASN B 70 -29.08 -6.28 9.29
C ASN B 70 -28.68 -6.96 10.60
N VAL B 71 -27.85 -8.00 10.46
CA VAL B 71 -27.31 -8.74 11.59
C VAL B 71 -25.82 -8.91 11.38
N VAL B 72 -25.08 -9.03 12.49
CA VAL B 72 -23.64 -9.19 12.45
C VAL B 72 -23.20 -9.93 13.71
N GLU B 73 -22.14 -10.72 13.57
CA GLU B 73 -21.61 -11.50 14.68
C GLU B 73 -20.82 -10.61 15.63
N ALA B 74 -20.92 -10.90 16.93
CA ALA B 74 -20.23 -10.12 17.94
C ALA B 74 -18.73 -10.42 17.94
N THR B 79 -21.06 -15.95 27.54
CA THR B 79 -21.60 -17.13 28.20
C THR B 79 -23.01 -16.87 28.71
N ILE B 80 -23.94 -17.77 28.36
CA ILE B 80 -25.35 -17.61 28.70
C ILE B 80 -25.82 -18.86 29.42
N GLN B 81 -26.42 -18.66 30.60
CA GLN B 81 -27.11 -19.72 31.32
C GLN B 81 -28.61 -19.51 31.13
N ASN B 82 -29.40 -20.37 31.78
CA ASN B 82 -30.86 -20.32 31.67
C ASN B 82 -31.32 -20.42 30.21
N HIS B 94 -27.53 -24.51 33.31
CA HIS B 94 -26.64 -25.05 32.29
C HIS B 94 -26.00 -23.93 31.49
N THR B 95 -24.67 -23.89 31.47
CA THR B 95 -23.92 -22.82 30.84
C THR B 95 -23.53 -23.19 29.42
N HIS B 96 -23.49 -22.19 28.54
CA HIS B 96 -23.09 -22.37 27.16
C HIS B 96 -22.36 -21.13 26.68
N ILE B 97 -21.26 -21.33 25.95
CA ILE B 97 -20.45 -20.26 25.40
C ILE B 97 -20.86 -20.08 23.94
N VAL B 98 -21.46 -18.94 23.62
CA VAL B 98 -21.96 -18.67 22.29
C VAL B 98 -21.53 -17.28 21.85
N ILE B 99 -21.41 -17.08 20.55
CA ILE B 99 -21.12 -15.78 19.95
C ILE B 99 -22.44 -15.23 19.40
N PRO B 100 -23.02 -14.20 20.02
CA PRO B 100 -24.35 -13.75 19.61
C PRO B 100 -24.33 -12.93 18.34
N TYR B 101 -25.51 -12.84 17.72
CA TYR B 101 -25.72 -12.02 16.53
C TYR B 101 -26.33 -10.69 16.94
N ARG B 102 -25.64 -9.60 16.63
CA ARG B 102 -26.12 -8.27 16.95
C ARG B 102 -27.22 -7.87 15.96
N CYS B 103 -28.39 -7.53 16.47
CA CYS B 103 -29.48 -7.05 15.62
C CYS B 103 -29.24 -5.57 15.35
N LEU B 104 -28.78 -5.25 14.14
CA LEU B 104 -28.45 -3.88 13.79
C LEU B 104 -29.73 -3.09 13.51
N VAL B 105 -29.88 -1.96 14.20
CA VAL B 105 -31.09 -1.15 14.13
C VAL B 105 -30.85 0.05 13.23
N GLY B 106 -31.81 0.31 12.33
CA GLY B 106 -31.78 1.48 11.48
C GLY B 106 -30.61 1.46 10.50
N GLU B 107 -30.21 2.65 10.07
CA GLU B 107 -29.08 2.79 9.16
C GLU B 107 -27.79 2.33 9.85
N PHE B 108 -26.85 1.85 9.03
CA PHE B 108 -25.61 1.30 9.57
C PHE B 108 -24.69 2.43 10.05
N VAL B 109 -24.20 2.28 11.28
CA VAL B 109 -23.22 3.19 11.86
C VAL B 109 -22.03 2.35 12.29
N SER B 110 -20.85 2.66 11.72
CA SER B 110 -19.66 1.89 12.02
C SER B 110 -19.26 2.04 13.49
N ASP B 111 -18.70 0.97 14.04
CA ASP B 111 -18.31 0.97 15.45
C ASP B 111 -17.11 1.87 15.67
N ALA B 112 -17.08 2.52 16.82
CA ALA B 112 -15.95 3.35 17.22
C ALA B 112 -14.92 2.47 17.92
N LEU B 113 -13.77 2.28 17.29
CA LEU B 113 -12.74 1.40 17.81
C LEU B 113 -11.81 2.14 18.75
N LEU B 114 -11.37 1.44 19.80
CA LEU B 114 -10.42 2.00 20.76
C LEU B 114 -9.00 1.70 20.29
N VAL B 115 -8.20 2.75 20.17
CA VAL B 115 -6.80 2.61 19.74
C VAL B 115 -5.90 2.95 20.92
N PRO B 116 -5.42 1.97 21.67
CA PRO B 116 -4.49 2.27 22.77
C PRO B 116 -3.20 2.86 22.26
N ASP B 117 -2.47 3.49 23.17
CA ASP B 117 -1.20 4.12 22.81
C ASP B 117 -0.22 3.07 22.28
N LYS B 118 0.61 3.51 21.33
CA LYS B 118 1.63 2.70 20.67
C LYS B 118 1.05 1.62 19.76
N CYS B 119 -0.26 1.68 19.46
CA CYS B 119 -0.88 0.79 18.50
C CYS B 119 -1.21 1.55 17.22
N LYS B 120 -1.65 0.81 16.21
CA LYS B 120 -1.95 1.36 14.90
C LYS B 120 -3.42 1.10 14.55
N PHE B 121 -4.07 2.10 13.96
CA PHE B 121 -5.43 1.96 13.46
C PHE B 121 -5.37 1.73 11.95
N LEU B 122 -5.83 0.57 11.50
CA LEU B 122 -5.80 0.21 10.10
C LEU B 122 -7.19 -0.12 9.61
N HIS B 123 -7.35 -0.15 8.28
CA HIS B 123 -8.64 -0.43 7.68
C HIS B 123 -8.45 -0.82 6.22
N GLN B 124 -9.32 -1.69 5.74
CA GLN B 124 -9.34 -2.11 4.35
C GLN B 124 -10.74 -1.94 3.80
N GLU B 125 -10.83 -1.65 2.50
CA GLU B 125 -12.12 -1.41 1.86
C GLU B 125 -11.97 -1.64 0.37
N ARG B 126 -12.96 -2.34 -0.22
CA ARG B 126 -12.99 -2.57 -1.66
C ARG B 126 -14.44 -2.49 -2.12
N MET B 127 -14.74 -1.51 -2.98
CA MET B 127 -16.07 -1.36 -3.52
C MET B 127 -16.41 -2.43 -4.56
N ASP B 128 -15.44 -3.22 -5.00
CA ASP B 128 -15.65 -4.26 -5.99
C ASP B 128 -15.71 -5.66 -5.39
N VAL B 129 -15.86 -5.78 -4.07
CA VAL B 129 -16.01 -7.06 -3.41
C VAL B 129 -17.16 -6.96 -2.42
N CYS B 130 -17.53 -8.11 -1.85
CA CYS B 130 -18.56 -8.17 -0.81
C CYS B 130 -18.39 -9.50 -0.08
N GLU B 131 -17.77 -9.45 1.10
CA GLU B 131 -17.38 -10.65 1.82
C GLU B 131 -18.09 -10.72 3.18
N THR B 132 -17.87 -11.82 3.88
CA THR B 132 -18.54 -12.10 5.13
C THR B 132 -17.79 -11.51 6.31
N HIS B 133 -18.41 -11.60 7.49
CA HIS B 133 -17.76 -11.13 8.72
C HIS B 133 -16.55 -11.99 9.07
N LEU B 134 -16.66 -13.30 8.87
CA LEU B 134 -15.54 -14.19 9.16
C LEU B 134 -14.35 -13.89 8.26
N HIS B 135 -14.61 -13.49 7.02
CA HIS B 135 -13.53 -13.16 6.10
C HIS B 135 -12.77 -11.92 6.58
N TRP B 136 -13.50 -10.85 6.88
CA TRP B 136 -12.83 -9.61 7.29
C TRP B 136 -12.14 -9.75 8.64
N HIS B 137 -12.67 -10.59 9.54
CA HIS B 137 -11.97 -10.86 10.79
C HIS B 137 -10.65 -11.56 10.52
N THR B 138 -10.65 -12.55 9.61
CA THR B 138 -9.41 -13.25 9.28
C THR B 138 -8.45 -12.33 8.53
N VAL B 139 -8.97 -11.45 7.68
CA VAL B 139 -8.12 -10.48 6.99
C VAL B 139 -7.47 -9.55 8.00
N ALA B 140 -8.25 -9.05 8.97
CA ALA B 140 -7.70 -8.16 9.97
C ALA B 140 -6.65 -8.85 10.83
N LYS B 141 -6.89 -10.12 11.19
CA LYS B 141 -5.94 -10.84 12.02
C LYS B 141 -4.67 -11.18 11.26
N GLU B 142 -4.82 -11.57 9.99
CA GLU B 142 -3.64 -11.88 9.18
C GLU B 142 -2.84 -10.61 8.86
N THR B 143 -3.52 -9.46 8.75
CA THR B 143 -2.81 -8.21 8.48
C THR B 143 -1.92 -7.81 9.65
N CYS B 144 -2.42 -8.00 10.88
CA CYS B 144 -1.59 -7.72 12.05
C CYS B 144 -0.45 -8.73 12.17
N SER B 145 -0.67 -9.97 11.74
CA SER B 145 0.39 -10.97 11.81
C SER B 145 1.51 -10.66 10.83
N GLU B 146 1.16 -10.12 9.65
CA GLU B 146 2.19 -9.73 8.69
C GLU B 146 3.11 -8.65 9.24
N LYS B 147 2.57 -7.75 10.06
CA LYS B 147 3.35 -6.70 10.70
C LYS B 147 3.89 -7.13 12.06
N SER B 148 3.81 -8.41 12.40
CA SER B 148 4.30 -8.95 13.67
C SER B 148 3.61 -8.27 14.86
N THR B 149 2.29 -8.15 14.76
CA THR B 149 1.46 -7.56 15.81
C THR B 149 0.25 -8.45 16.05
N ASN B 150 -0.57 -8.07 17.02
CA ASN B 150 -1.78 -8.80 17.39
C ASN B 150 -3.01 -7.97 17.07
N LEU B 151 -4.11 -8.67 16.78
CA LEU B 151 -5.39 -8.01 16.47
C LEU B 151 -6.07 -7.63 17.77
N HIS B 152 -6.11 -6.35 18.08
CA HIS B 152 -6.66 -5.93 19.36
C HIS B 152 -8.16 -5.73 19.29
N ASP B 153 -8.66 -5.14 18.20
CA ASP B 153 -10.07 -4.86 18.04
C ASP B 153 -10.35 -4.69 16.55
N TYR B 154 -11.62 -4.86 16.19
CA TYR B 154 -12.01 -4.73 14.79
C TYR B 154 -13.50 -4.46 14.69
N GLY B 155 -13.91 -3.99 13.52
CA GLY B 155 -15.31 -3.70 13.24
C GLY B 155 -15.57 -3.75 11.74
N MET B 156 -16.86 -3.79 11.40
CA MET B 156 -17.28 -3.92 10.02
C MET B 156 -17.51 -2.55 9.38
N LEU B 157 -17.47 -2.52 8.05
CA LEU B 157 -17.65 -1.30 7.27
C LEU B 157 -18.46 -1.60 6.02
N LEU B 158 -19.35 -0.67 5.66
CA LEU B 158 -20.05 -0.66 4.37
C LEU B 158 -20.77 -1.97 4.11
N PRO B 159 -21.94 -2.18 4.71
CA PRO B 159 -22.67 -3.45 4.48
C PRO B 159 -23.16 -3.55 3.05
N CYS B 160 -23.11 -4.78 2.52
CA CYS B 160 -23.53 -5.06 1.15
C CYS B 160 -24.48 -6.25 1.09
N GLY B 161 -25.07 -6.61 2.22
CA GLY B 161 -25.96 -7.75 2.27
C GLY B 161 -26.16 -8.18 3.71
N ILE B 162 -26.92 -9.27 3.87
CA ILE B 162 -27.21 -9.79 5.19
C ILE B 162 -25.92 -10.37 5.76
N ASP B 163 -25.34 -9.69 6.74
CA ASP B 163 -24.11 -10.11 7.42
C ASP B 163 -22.94 -10.23 6.43
N LYS B 164 -22.93 -9.34 5.43
CA LYS B 164 -21.83 -9.28 4.48
C LYS B 164 -21.46 -7.82 4.26
N PHE B 165 -20.16 -7.54 4.22
CA PHE B 165 -19.65 -6.18 4.22
C PHE B 165 -18.57 -6.01 3.16
N ARG B 166 -18.31 -4.75 2.81
CA ARG B 166 -17.33 -4.41 1.78
C ARG B 166 -16.01 -3.92 2.35
N GLY B 167 -15.92 -3.71 3.66
CA GLY B 167 -14.72 -3.18 4.27
C GLY B 167 -14.58 -3.64 5.70
N VAL B 168 -13.43 -3.30 6.30
CA VAL B 168 -13.14 -3.68 7.68
C VAL B 168 -12.27 -2.60 8.31
N GLU B 169 -12.46 -2.37 9.60
CA GLU B 169 -11.60 -1.52 10.41
C GLU B 169 -11.07 -2.34 11.57
N PHE B 170 -9.81 -2.12 11.92
CA PHE B 170 -9.20 -2.93 12.97
C PHE B 170 -7.99 -2.18 13.55
N VAL B 171 -7.53 -2.68 14.69
CA VAL B 171 -6.43 -2.08 15.43
C VAL B 171 -5.41 -3.18 15.74
N CYS B 172 -4.19 -3.01 15.24
CA CYS B 172 -3.08 -3.90 15.57
C CYS B 172 -2.25 -3.28 16.70
N CYS B 173 -1.91 -4.10 17.70
CA CYS B 173 -1.13 -3.64 18.83
C CYS B 173 0.17 -4.43 18.94
N PRO B 174 1.23 -3.82 19.46
CA PRO B 174 2.53 -4.51 19.52
C PRO B 174 2.51 -5.68 20.50
N LEU B 175 3.51 -6.54 20.35
CA LEU B 175 3.63 -7.73 21.19
C LEU B 175 4.21 -7.39 22.55
N PRO C 6 -14.13 -47.73 17.05
CA PRO C 6 -14.43 -48.18 15.69
C PRO C 6 -15.45 -47.30 14.97
N PRO C 7 -15.12 -46.03 14.74
CA PRO C 7 -16.07 -45.13 14.09
C PRO C 7 -16.05 -45.27 12.58
N GLY C 8 -17.12 -44.77 11.96
CA GLY C 8 -17.27 -44.86 10.53
C GLY C 8 -16.47 -43.80 9.79
N PRO C 9 -16.66 -43.72 8.48
CA PRO C 9 -15.98 -42.69 7.69
C PRO C 9 -16.91 -41.52 7.40
N PRO C 10 -16.46 -40.28 7.63
CA PRO C 10 -17.23 -39.08 7.26
C PRO C 10 -17.54 -39.01 5.77
N VAL C 13 -15.89 -33.75 2.19
CA VAL C 13 -15.48 -32.50 2.81
C VAL C 13 -15.73 -31.34 1.84
N ILE C 14 -16.30 -30.26 2.35
CA ILE C 14 -16.66 -29.10 1.54
C ILE C 14 -15.90 -27.89 2.07
N VAL C 15 -15.06 -27.31 1.21
CA VAL C 15 -14.33 -26.09 1.55
C VAL C 15 -15.20 -24.89 1.17
N GLU C 16 -15.61 -24.12 2.18
CA GLU C 16 -16.55 -23.02 1.98
C GLU C 16 -15.85 -21.67 1.80
N GLU C 17 -14.90 -21.34 2.67
CA GLU C 17 -14.17 -20.09 2.57
C GLU C 17 -12.68 -20.36 2.53
N ILE C 18 -11.97 -19.55 1.75
CA ILE C 18 -10.53 -19.69 1.56
C ILE C 18 -9.88 -18.33 1.76
N THR C 19 -8.79 -18.29 2.52
CA THR C 19 -8.01 -17.08 2.69
C THR C 19 -6.54 -17.46 2.80
N GLU C 20 -5.67 -16.44 2.95
CA GLU C 20 -4.23 -16.60 2.77
C GLU C 20 -3.68 -17.79 3.54
N SER C 21 -4.09 -17.97 4.79
CA SER C 21 -3.56 -19.04 5.62
C SER C 21 -4.65 -19.82 6.33
N THR C 22 -5.89 -19.76 5.84
CA THR C 22 -7.01 -20.34 6.56
C THR C 22 -8.09 -20.77 5.57
N ALA C 23 -8.68 -21.94 5.82
CA ALA C 23 -9.80 -22.44 5.05
C ALA C 23 -10.90 -22.90 6.00
N THR C 24 -12.13 -22.45 5.73
CA THR C 24 -13.30 -22.85 6.51
C THR C 24 -13.98 -24.00 5.78
N LEU C 25 -14.06 -25.16 6.44
CA LEU C 25 -14.53 -26.37 5.80
C LEU C 25 -15.50 -27.12 6.70
N SER C 26 -16.48 -27.75 6.08
CA SER C 26 -17.47 -28.58 6.77
C SER C 26 -17.47 -29.97 6.14
N TRP C 27 -18.25 -30.87 6.74
CA TRP C 27 -18.31 -32.23 6.26
C TRP C 27 -19.58 -32.90 6.77
N SER C 28 -20.04 -33.90 6.03
CA SER C 28 -21.15 -34.72 6.50
C SER C 28 -20.63 -35.73 7.53
N PRO C 29 -21.34 -35.91 8.65
CA PRO C 29 -20.88 -36.77 9.76
C PRO C 29 -20.69 -38.23 9.36
N ILE C 37 -18.88 -40.39 19.06
CA ILE C 37 -17.62 -39.89 18.53
C ILE C 37 -16.99 -38.92 19.53
N SER C 38 -15.71 -39.15 19.86
CA SER C 38 -15.00 -38.26 20.77
C SER C 38 -14.56 -36.98 20.08
N SER C 39 -14.00 -37.09 18.87
CA SER C 39 -13.50 -35.92 18.17
C SER C 39 -13.31 -36.24 16.70
N TYR C 40 -13.36 -35.18 15.89
CA TYR C 40 -12.99 -35.25 14.47
C TYR C 40 -11.61 -34.65 14.28
N ASN C 41 -10.83 -35.26 13.40
CA ASN C 41 -9.48 -34.80 13.10
C ASN C 41 -9.37 -34.49 11.61
N LEU C 42 -8.67 -33.40 11.29
CA LEU C 42 -8.54 -32.93 9.92
C LEU C 42 -7.12 -33.16 9.41
N GLN C 43 -7.03 -33.60 8.16
CA GLN C 43 -5.76 -33.76 7.46
C GLN C 43 -5.83 -33.08 6.11
N ALA C 44 -4.66 -32.63 5.63
CA ALA C 44 -4.57 -32.00 4.32
C ALA C 44 -3.36 -32.55 3.58
N ARG C 45 -3.36 -32.35 2.27
CA ARG C 45 -2.28 -32.82 1.41
C ARG C 45 -2.04 -31.80 0.31
N SER C 46 -0.77 -31.48 0.08
CA SER C 46 -0.32 -30.58 -0.96
C SER C 46 0.71 -31.28 -1.82
N PRO C 47 0.99 -30.77 -3.02
CA PRO C 47 2.08 -31.36 -3.82
C PRO C 47 3.43 -31.33 -3.12
N PHE C 48 3.58 -30.54 -2.06
CA PHE C 48 4.82 -30.46 -1.30
C PHE C 48 4.76 -31.21 0.01
N SER C 49 3.60 -31.72 0.41
CA SER C 49 3.47 -32.50 1.62
C SER C 49 3.89 -33.94 1.36
N LEU C 50 4.47 -34.57 2.38
CA LEU C 50 4.86 -35.98 2.30
C LEU C 50 3.67 -36.87 2.65
N GLY C 51 2.63 -36.75 1.84
CA GLY C 51 1.38 -37.44 2.09
C GLY C 51 0.43 -36.60 2.92
N TRP C 52 -0.63 -37.26 3.39
CA TRP C 52 -1.60 -36.60 4.25
C TRP C 52 -0.99 -36.31 5.61
N GLN C 53 -1.14 -35.07 6.08
CA GLN C 53 -0.63 -34.67 7.38
C GLN C 53 -1.69 -33.84 8.10
N THR C 54 -1.70 -33.95 9.42
CA THR C 54 -2.71 -33.28 10.23
C THR C 54 -2.50 -31.77 10.20
N VAL C 55 -3.60 -31.04 10.39
CA VAL C 55 -3.59 -29.58 10.34
C VAL C 55 -4.12 -29.02 11.65
N LYS C 56 -3.70 -27.80 11.96
CA LYS C 56 -4.20 -27.09 13.12
C LYS C 56 -5.53 -26.44 12.78
N THR C 57 -6.48 -26.54 13.71
CA THR C 57 -7.86 -26.11 13.45
C THR C 57 -8.35 -25.17 14.54
N VAL C 58 -9.41 -24.45 14.22
CA VAL C 58 -10.16 -23.64 15.18
C VAL C 58 -11.58 -24.17 15.21
N PRO C 59 -12.06 -24.73 16.33
CA PRO C 59 -11.38 -24.85 17.63
C PRO C 59 -10.21 -25.84 17.62
N GLU C 60 -9.40 -25.80 18.68
CA GLU C 60 -8.25 -26.69 18.78
C GLU C 60 -8.68 -28.15 18.76
N VAL C 61 -9.82 -28.47 19.39
CA VAL C 61 -10.36 -29.82 19.41
C VAL C 61 -11.77 -29.77 18.82
N ILE C 62 -11.96 -30.49 17.71
CA ILE C 62 -13.25 -30.56 17.04
C ILE C 62 -14.04 -31.69 17.70
N THR C 63 -15.02 -31.34 18.52
CA THR C 63 -15.79 -32.34 19.25
C THR C 63 -16.69 -33.12 18.29
N GLY C 64 -17.28 -34.20 18.81
CA GLY C 64 -18.04 -35.10 17.97
C GLY C 64 -19.31 -34.49 17.41
N ASP C 65 -19.89 -33.52 18.13
CA ASP C 65 -21.11 -32.88 17.67
C ASP C 65 -20.86 -31.82 16.60
N MET C 66 -19.61 -31.44 16.36
CA MET C 66 -19.28 -30.41 15.39
C MET C 66 -19.05 -31.04 14.02
N GLU C 67 -19.71 -30.49 13.00
CA GLU C 67 -19.57 -30.97 11.63
C GLU C 67 -18.75 -30.02 10.77
N SER C 68 -18.08 -29.04 11.37
CA SER C 68 -17.31 -28.06 10.62
C SER C 68 -16.19 -27.53 11.51
N ALA C 69 -15.16 -26.99 10.85
CA ALA C 69 -14.02 -26.42 11.55
C ALA C 69 -13.30 -25.47 10.59
N MET C 70 -12.29 -24.79 11.12
CA MET C 70 -11.52 -23.80 10.37
C MET C 70 -10.05 -24.18 10.42
N ALA C 71 -9.53 -24.72 9.32
CA ALA C 71 -8.12 -25.07 9.23
C ALA C 71 -7.26 -23.82 9.14
N VAL C 72 -6.22 -23.74 9.96
CA VAL C 72 -5.38 -22.55 10.03
C VAL C 72 -3.92 -22.92 9.75
N ASP C 73 -3.05 -21.90 9.72
CA ASP C 73 -1.62 -22.08 9.51
C ASP C 73 -1.31 -22.77 8.19
N LEU C 74 -2.08 -22.44 7.16
CA LEU C 74 -1.82 -22.94 5.82
C LEU C 74 -0.84 -22.02 5.10
N ASN C 75 -0.16 -22.57 4.10
CA ASN C 75 0.79 -21.73 3.38
C ASN C 75 0.09 -21.02 2.24
N PRO C 76 0.36 -19.73 2.07
CA PRO C 76 -0.31 -18.96 1.01
C PRO C 76 0.05 -19.44 -0.39
N TRP C 77 -0.94 -19.38 -1.28
CA TRP C 77 -0.78 -19.74 -2.69
C TRP C 77 -0.24 -21.16 -2.84
N VAL C 78 -0.90 -22.11 -2.20
CA VAL C 78 -0.54 -23.53 -2.23
C VAL C 78 -1.80 -24.35 -2.44
N GLU C 79 -1.73 -25.32 -3.34
CA GLU C 79 -2.87 -26.18 -3.60
C GLU C 79 -3.05 -27.18 -2.45
N TYR C 80 -4.29 -27.36 -2.01
CA TYR C 80 -4.60 -28.21 -0.88
C TYR C 80 -5.80 -29.10 -1.20
N GLU C 81 -5.89 -30.19 -0.44
CA GLU C 81 -7.07 -31.06 -0.42
C GLU C 81 -7.19 -31.64 0.98
N PHE C 82 -8.42 -31.72 1.48
CA PHE C 82 -8.66 -32.04 2.89
C PHE C 82 -9.46 -33.32 3.02
N ARG C 83 -9.39 -33.91 4.22
CA ARG C 83 -10.17 -35.09 4.56
C ARG C 83 -10.32 -35.15 6.07
N VAL C 84 -11.38 -35.82 6.53
CA VAL C 84 -11.74 -35.88 7.93
C VAL C 84 -11.61 -37.31 8.42
N VAL C 85 -11.26 -37.47 9.70
CA VAL C 85 -11.15 -38.76 10.35
C VAL C 85 -11.88 -38.69 11.68
N ALA C 86 -12.75 -39.67 11.94
CA ALA C 86 -13.49 -39.75 13.19
C ALA C 86 -12.74 -40.65 14.18
N THR C 87 -12.98 -40.40 15.47
CA THR C 87 -12.26 -41.12 16.52
C THR C 87 -13.17 -41.28 17.73
N ASN C 88 -13.24 -42.50 18.25
CA ASN C 88 -13.94 -42.84 19.48
C ASN C 88 -13.28 -44.06 20.09
N PRO C 89 -13.35 -44.23 21.42
CA PRO C 89 -12.70 -45.39 22.05
C PRO C 89 -13.33 -46.72 21.66
N THR C 92 -10.42 -44.74 16.27
CA THR C 92 -10.09 -44.03 15.05
C THR C 92 -10.46 -44.83 13.82
N GLY C 93 -11.35 -44.27 12.99
CA GLY C 93 -11.86 -44.96 11.82
C GLY C 93 -11.18 -44.52 10.53
N ASP C 94 -11.78 -44.94 9.42
CA ASP C 94 -11.23 -44.63 8.12
C ASP C 94 -11.44 -43.17 7.78
N PRO C 95 -10.56 -42.58 6.97
CA PRO C 95 -10.72 -41.18 6.56
C PRO C 95 -11.87 -41.01 5.59
N SER C 96 -12.25 -39.75 5.36
CA SER C 96 -13.35 -39.43 4.47
C SER C 96 -12.87 -39.36 3.02
N ILE C 97 -13.80 -39.05 2.13
CA ILE C 97 -13.45 -38.86 0.71
C ILE C 97 -12.69 -37.54 0.57
N PRO C 98 -11.57 -37.52 -0.16
CA PRO C 98 -10.81 -36.27 -0.29
C PRO C 98 -11.64 -35.17 -0.94
N SER C 99 -11.43 -33.95 -0.47
CA SER C 99 -12.15 -32.80 -0.98
C SER C 99 -11.58 -32.38 -2.34
N ARG C 100 -12.20 -31.36 -2.93
CA ARG C 100 -11.72 -30.82 -4.20
C ARG C 100 -10.39 -30.11 -3.99
N MET C 101 -9.63 -29.99 -5.08
CA MET C 101 -8.37 -29.27 -5.05
C MET C 101 -8.61 -27.77 -4.99
N ILE C 102 -8.26 -27.14 -3.88
CA ILE C 102 -8.39 -25.70 -3.72
C ILE C 102 -6.99 -25.08 -3.76
N ARG C 103 -6.93 -23.76 -3.59
CA ARG C 103 -5.65 -23.07 -3.48
C ARG C 103 -5.84 -21.83 -2.63
N THR C 104 -4.96 -21.67 -1.63
CA THR C 104 -5.03 -20.52 -0.74
C THR C 104 -4.73 -19.23 -1.51
N ASN C 105 -5.15 -18.12 -0.92
CA ASN C 105 -4.97 -16.82 -1.56
C ASN C 105 -3.50 -16.41 -1.50
N GLU C 106 -3.14 -15.48 -2.39
CA GLU C 106 -1.77 -15.01 -2.46
C GLU C 106 -1.45 -14.10 -1.27
N ALA C 107 -0.17 -14.05 -0.93
CA ALA C 107 0.30 -13.18 0.15
C ALA C 107 1.75 -12.82 -0.13
N VAL C 108 2.29 -11.93 0.70
CA VAL C 108 3.68 -11.52 0.60
C VAL C 108 4.56 -12.72 0.94
N PRO C 109 5.77 -12.82 0.40
CA PRO C 109 6.63 -13.95 0.74
C PRO C 109 7.27 -13.77 2.11
N LYS C 110 7.43 -14.88 2.80
CA LYS C 110 7.94 -14.91 4.16
C LYS C 110 9.20 -15.77 4.31
N THR C 111 9.73 -16.31 3.21
CA THR C 111 10.86 -17.22 3.26
C THR C 111 11.98 -16.67 2.38
N ALA C 112 13.11 -16.34 3.02
CA ALA C 112 14.29 -15.92 2.29
C ALA C 112 15.10 -17.13 1.84
N PRO C 113 15.83 -17.03 0.73
CA PRO C 113 16.61 -18.18 0.26
C PRO C 113 17.77 -18.49 1.21
N SER C 114 18.09 -19.78 1.29
CA SER C 114 19.15 -20.26 2.17
C SER C 114 20.44 -20.47 1.39
N ASN C 115 21.53 -20.66 2.14
CA ASN C 115 22.84 -20.95 1.58
C ASN C 115 23.32 -19.84 0.64
N VAL C 116 23.24 -18.60 1.12
CA VAL C 116 23.77 -17.46 0.37
C VAL C 116 25.29 -17.54 0.43
N SER C 117 25.93 -17.81 -0.70
CA SER C 117 27.37 -18.05 -0.74
C SER C 117 27.95 -17.39 -1.98
N GLY C 118 29.27 -17.47 -2.10
CA GLY C 118 29.96 -16.95 -3.26
C GLY C 118 30.56 -18.04 -4.12
N ARG C 119 30.89 -17.71 -5.37
CA ARG C 119 31.46 -18.67 -6.31
C ARG C 119 32.65 -18.05 -7.01
N SER C 120 33.39 -18.89 -7.73
CA SER C 120 34.52 -18.43 -8.52
C SER C 120 34.05 -17.72 -9.79
N GLY C 121 34.76 -16.66 -10.16
CA GLY C 121 34.40 -15.89 -11.33
C GLY C 121 35.60 -15.17 -11.88
N ARG C 122 35.33 -14.34 -12.90
CA ARG C 122 36.40 -13.60 -13.58
C ARG C 122 37.08 -12.61 -12.64
N ARG C 123 38.06 -11.86 -13.16
CA ARG C 123 38.93 -11.06 -12.32
C ARG C 123 38.15 -9.98 -11.57
N HIS C 124 37.13 -9.41 -12.20
CA HIS C 124 36.36 -8.33 -11.62
C HIS C 124 34.89 -8.71 -11.49
N GLU C 125 34.63 -9.99 -11.19
CA GLU C 125 33.27 -10.50 -11.04
C GLU C 125 33.02 -10.88 -9.58
N LEU C 126 31.89 -10.43 -9.05
CA LEU C 126 31.39 -10.85 -7.74
C LEU C 126 30.24 -11.80 -7.98
N VAL C 127 30.49 -13.10 -7.86
CA VAL C 127 29.51 -14.13 -8.17
C VAL C 127 28.81 -14.51 -6.86
N ILE C 128 27.54 -14.13 -6.75
CA ILE C 128 26.72 -14.45 -5.60
C ILE C 128 25.78 -15.60 -5.98
N ALA C 129 25.55 -16.52 -5.04
CA ALA C 129 24.70 -17.67 -5.30
C ALA C 129 23.81 -17.92 -4.08
N TRP C 130 22.71 -18.63 -4.32
CA TRP C 130 21.76 -18.96 -3.26
C TRP C 130 20.94 -20.17 -3.71
N GLU C 131 20.35 -20.83 -2.72
CA GLU C 131 19.47 -21.97 -3.01
C GLU C 131 18.07 -21.44 -3.35
N PRO C 132 17.51 -21.81 -4.51
CA PRO C 132 16.21 -21.26 -4.90
C PRO C 132 15.11 -21.68 -3.94
N VAL C 133 14.07 -20.85 -3.87
CA VAL C 133 12.92 -21.10 -3.01
C VAL C 133 11.86 -21.84 -3.81
N SER C 134 11.34 -22.93 -3.24
CA SER C 134 10.34 -23.73 -3.92
C SER C 134 9.01 -22.97 -4.00
N GLU C 135 8.08 -23.52 -4.79
CA GLU C 135 6.82 -22.85 -5.05
C GLU C 135 5.98 -22.71 -3.77
N GLU C 136 6.09 -23.67 -2.85
CA GLU C 136 5.26 -23.63 -1.65
C GLU C 136 5.60 -22.46 -0.73
N PHE C 137 6.79 -21.87 -0.87
CA PHE C 137 7.20 -20.74 -0.04
C PHE C 137 7.31 -19.45 -0.84
N GLN C 138 6.91 -19.46 -2.12
CA GLN C 138 6.90 -18.22 -2.89
C GLN C 138 5.68 -17.36 -2.57
N ASN C 139 4.59 -17.97 -2.12
CA ASN C 139 3.39 -17.32 -1.60
C ASN C 139 2.64 -16.49 -2.64
N GLY C 140 3.02 -16.56 -3.91
CA GLY C 140 2.31 -15.79 -4.92
C GLY C 140 3.02 -15.86 -6.26
N GLU C 141 2.36 -15.27 -7.25
CA GLU C 141 2.90 -15.20 -8.60
C GLU C 141 3.80 -13.99 -8.77
N GLY C 142 4.60 -14.01 -9.83
CA GLY C 142 5.58 -12.96 -10.04
C GLY C 142 6.70 -12.97 -9.02
N PHE C 143 7.06 -14.15 -8.52
CA PHE C 143 8.08 -14.26 -7.49
C PHE C 143 9.47 -13.96 -8.05
N GLY C 144 10.31 -13.36 -7.21
CA GLY C 144 11.66 -13.02 -7.62
C GLY C 144 12.53 -12.77 -6.41
N TYR C 145 13.78 -12.40 -6.68
CA TYR C 145 14.77 -12.15 -5.64
C TYR C 145 15.33 -10.74 -5.77
N ILE C 146 15.83 -10.23 -4.64
CA ILE C 146 16.49 -8.93 -4.59
C ILE C 146 17.88 -9.17 -4.00
N VAL C 147 18.91 -8.98 -4.82
CA VAL C 147 20.29 -9.22 -4.43
C VAL C 147 20.91 -7.89 -3.99
N ALA C 148 21.27 -7.79 -2.71
CA ALA C 148 21.89 -6.61 -2.15
C ALA C 148 23.31 -6.95 -1.71
N PHE C 149 24.25 -6.04 -2.01
CA PHE C 149 25.64 -6.26 -1.67
C PHE C 149 26.32 -4.92 -1.46
N ARG C 150 27.37 -4.93 -0.63
CA ARG C 150 28.13 -3.72 -0.31
C ARG C 150 29.51 -4.14 0.15
N PRO C 151 30.52 -3.31 -0.07
CA PRO C 151 31.86 -3.63 0.47
C PRO C 151 31.83 -3.68 1.99
N ASN C 152 32.54 -4.67 2.54
CA ASN C 152 32.54 -4.90 3.98
C ASN C 152 33.06 -3.70 4.76
N GLY C 156 25.81 2.19 2.55
CA GLY C 156 24.77 1.94 1.57
C GLY C 156 24.85 0.57 0.95
N TRP C 157 23.89 0.24 0.08
CA TRP C 157 23.83 -1.05 -0.59
C TRP C 157 23.70 -0.84 -2.10
N LYS C 158 24.13 -1.86 -2.85
CA LYS C 158 23.84 -1.97 -4.26
C LYS C 158 22.86 -3.13 -4.45
N GLU C 159 21.69 -2.83 -5.00
CA GLU C 159 20.62 -3.82 -5.10
C GLU C 159 20.32 -4.12 -6.55
N LYS C 160 19.97 -5.38 -6.82
CA LYS C 160 19.71 -5.87 -8.18
C LYS C 160 18.47 -6.75 -8.17
N MET C 161 17.59 -6.53 -9.13
CA MET C 161 16.36 -7.30 -9.25
C MET C 161 16.61 -8.55 -10.10
N VAL C 162 16.30 -9.70 -9.54
CA VAL C 162 16.39 -10.99 -10.25
C VAL C 162 14.97 -11.49 -10.41
N THR C 163 14.42 -11.38 -11.62
CA THR C 163 13.02 -11.66 -11.87
C THR C 163 12.72 -13.14 -12.08
N SER C 164 13.73 -13.97 -12.29
CA SER C 164 13.51 -15.39 -12.51
C SER C 164 13.34 -16.10 -11.16
N SER C 165 12.22 -16.81 -11.00
CA SER C 165 11.98 -17.52 -9.74
C SER C 165 12.90 -18.72 -9.58
N GLU C 166 13.39 -19.26 -10.70
CA GLU C 166 14.29 -20.42 -10.66
C GLU C 166 15.76 -20.02 -10.64
N ALA C 167 16.08 -18.73 -10.63
CA ALA C 167 17.47 -18.30 -10.63
C ALA C 167 18.14 -18.64 -9.32
N SER C 168 19.41 -19.03 -9.39
CA SER C 168 20.17 -19.43 -8.22
C SER C 168 21.47 -18.65 -8.05
N LYS C 169 21.80 -17.74 -8.97
CA LYS C 169 23.03 -16.98 -8.84
C LYS C 169 22.92 -15.69 -9.63
N PHE C 170 23.84 -14.77 -9.35
CA PHE C 170 23.91 -13.48 -10.02
C PHE C 170 25.36 -13.01 -10.03
N ILE C 171 25.79 -12.45 -11.15
CA ILE C 171 27.16 -12.01 -11.35
C ILE C 171 27.15 -10.50 -11.54
N TYR C 172 27.91 -9.79 -10.70
CA TYR C 172 28.09 -8.35 -10.82
C TYR C 172 29.53 -8.08 -11.24
N ARG C 173 29.69 -7.22 -12.25
CA ARG C 173 30.98 -6.92 -12.83
C ARG C 173 31.32 -5.46 -12.57
N ASP C 174 32.46 -5.23 -11.90
CA ASP C 174 32.91 -3.88 -11.55
C ASP C 174 34.42 -3.83 -11.74
N GLU C 175 34.86 -3.05 -12.73
CA GLU C 175 36.29 -2.95 -13.01
C GLU C 175 37.06 -2.24 -11.91
N SER C 176 36.38 -1.47 -11.06
CA SER C 176 37.04 -0.76 -9.97
C SER C 176 37.23 -1.62 -8.73
N VAL C 177 36.57 -2.77 -8.65
CA VAL C 177 36.67 -3.65 -7.49
C VAL C 177 37.84 -4.61 -7.72
N PRO C 178 38.84 -4.61 -6.84
CA PRO C 178 39.96 -5.54 -7.00
C PRO C 178 39.56 -6.95 -6.62
N PRO C 179 40.32 -7.96 -7.02
CA PRO C 179 39.96 -9.34 -6.68
C PRO C 179 40.04 -9.58 -5.18
N LEU C 180 39.28 -10.60 -4.75
CA LEU C 180 39.27 -11.05 -3.36
C LEU C 180 38.83 -9.96 -2.40
N THR C 181 37.91 -9.09 -2.85
CA THR C 181 37.39 -8.05 -1.97
C THR C 181 36.18 -8.57 -1.21
N PRO C 182 36.15 -8.47 0.12
CA PRO C 182 35.01 -8.98 0.88
C PRO C 182 33.79 -8.07 0.72
N PHE C 183 32.63 -8.70 0.52
CA PHE C 183 31.38 -7.99 0.35
C PHE C 183 30.32 -8.57 1.28
N GLU C 184 29.61 -7.69 1.98
CA GLU C 184 28.44 -8.10 2.74
C GLU C 184 27.26 -8.24 1.79
N VAL C 185 26.58 -9.39 1.83
CA VAL C 185 25.59 -9.75 0.83
C VAL C 185 24.30 -10.16 1.52
N LYS C 186 23.18 -9.64 1.02
CA LYS C 186 21.84 -10.08 1.39
C LYS C 186 21.07 -10.44 0.13
N VAL C 187 20.19 -11.44 0.25
CA VAL C 187 19.33 -11.87 -0.86
C VAL C 187 17.90 -11.93 -0.32
N GLY C 188 17.04 -11.04 -0.81
CA GLY C 188 15.66 -11.00 -0.41
C GLY C 188 14.73 -11.63 -1.43
N VAL C 189 13.43 -11.54 -1.14
CA VAL C 189 12.39 -12.11 -1.98
C VAL C 189 11.26 -11.11 -2.15
N TYR C 190 10.45 -11.34 -3.19
CA TYR C 190 9.29 -10.51 -3.46
C TYR C 190 8.35 -11.30 -4.37
N ASN C 191 7.12 -10.79 -4.50
CA ASN C 191 6.16 -11.31 -5.46
C ASN C 191 5.20 -10.18 -5.83
N ASN C 192 4.08 -10.54 -6.45
CA ASN C 192 3.12 -9.52 -6.90
C ASN C 192 2.50 -8.78 -5.73
N LYS C 193 2.30 -9.47 -4.61
CA LYS C 193 1.60 -8.87 -3.47
C LYS C 193 2.49 -7.93 -2.65
N GLY C 194 3.80 -8.01 -2.81
CA GLY C 194 4.70 -7.12 -2.10
C GLY C 194 6.04 -7.77 -1.88
N ASP C 195 6.90 -7.04 -1.17
CA ASP C 195 8.25 -7.50 -0.87
C ASP C 195 8.24 -8.47 0.31
N GLY C 196 9.33 -9.24 0.41
CA GLY C 196 9.51 -10.16 1.50
C GLY C 196 10.75 -9.84 2.31
N PRO C 197 11.18 -10.78 3.15
CA PRO C 197 12.35 -10.53 4.00
C PRO C 197 13.66 -10.76 3.25
N PHE C 198 14.73 -10.22 3.82
CA PHE C 198 16.08 -10.45 3.34
C PHE C 198 16.74 -11.56 4.15
N SER C 199 17.70 -12.24 3.53
CA SER C 199 18.47 -13.24 4.25
C SER C 199 19.45 -12.55 5.20
N GLN C 200 20.03 -13.35 6.09
CA GLN C 200 21.04 -12.81 7.00
C GLN C 200 22.30 -12.45 6.23
N ILE C 201 23.03 -11.47 6.74
CA ILE C 201 24.19 -10.94 6.02
C ILE C 201 25.30 -11.97 6.02
N VAL C 202 25.80 -12.30 4.83
CA VAL C 202 26.97 -13.15 4.67
C VAL C 202 28.06 -12.32 4.01
N VAL C 203 29.31 -12.76 4.19
CA VAL C 203 30.47 -12.07 3.65
C VAL C 203 31.15 -13.01 2.67
N ILE C 204 31.20 -12.60 1.40
CA ILE C 204 31.86 -13.37 0.34
C ILE C 204 32.84 -12.48 -0.38
N CYS C 205 33.91 -13.08 -0.87
CA CYS C 205 34.94 -12.36 -1.61
C CYS C 205 34.70 -12.45 -3.11
N SER C 206 35.43 -11.61 -3.84
CA SER C 206 35.32 -11.54 -5.30
C SER C 206 35.69 -12.86 -5.96
N GLY C 209 40.40 -14.70 -8.96
CA GLY C 209 39.89 -14.94 -10.30
C GLY C 209 40.78 -15.85 -11.11
N GLU C 210 41.22 -15.39 -12.27
CA GLU C 210 42.10 -16.17 -13.11
C GLU C 210 43.49 -16.26 -12.48
N PRO C 211 44.27 -17.28 -12.84
CA PRO C 211 45.65 -17.35 -12.35
C PRO C 211 46.44 -16.11 -12.74
N THR C 212 47.18 -15.56 -11.77
CA THR C 212 47.87 -14.30 -11.94
C THR C 212 49.34 -14.45 -12.33
N ALA C 213 49.95 -15.59 -12.05
CA ALA C 213 51.37 -15.79 -12.27
C ALA C 213 51.60 -16.90 -13.28
N ALA C 214 52.58 -16.70 -14.17
CA ALA C 214 52.98 -17.72 -15.12
C ALA C 214 53.99 -18.67 -14.48
N PRO C 215 54.01 -19.93 -14.89
CA PRO C 215 54.97 -20.88 -14.33
C PRO C 215 56.40 -20.45 -14.64
N THR C 216 57.28 -20.65 -13.67
CA THR C 216 58.70 -20.31 -13.80
C THR C 216 59.55 -21.58 -13.70
N ASP C 217 60.77 -21.48 -14.22
CA ASP C 217 61.74 -22.58 -14.16
C ASP C 217 61.19 -23.84 -14.84
N VAL C 218 60.52 -23.66 -15.98
CA VAL C 218 59.99 -24.78 -16.74
C VAL C 218 61.16 -25.56 -17.33
N THR C 219 61.44 -26.73 -16.78
CA THR C 219 62.55 -27.58 -17.21
C THR C 219 61.99 -28.84 -17.84
N ALA C 220 62.21 -29.00 -19.14
CA ALA C 220 61.88 -30.21 -19.86
C ALA C 220 63.13 -31.07 -20.01
N THR C 221 62.92 -32.38 -20.09
CA THR C 221 64.04 -33.31 -20.22
C THR C 221 63.58 -34.54 -20.99
N SER C 222 64.31 -34.88 -22.05
CA SER C 222 64.00 -36.08 -22.81
C SER C 222 64.25 -37.32 -21.95
N VAL C 223 63.27 -38.22 -21.92
CA VAL C 223 63.32 -39.41 -21.10
C VAL C 223 63.53 -40.66 -21.94
N SER C 224 62.79 -40.80 -23.03
CA SER C 224 62.95 -41.91 -23.96
C SER C 224 62.92 -41.33 -25.37
N VAL C 225 62.70 -42.20 -26.36
CA VAL C 225 62.56 -41.73 -27.74
C VAL C 225 61.18 -41.17 -28.01
N SER C 226 60.23 -41.35 -27.09
CA SER C 226 58.87 -40.87 -27.31
C SER C 226 58.27 -40.21 -26.08
N GLU C 227 59.05 -40.03 -25.00
CA GLU C 227 58.55 -39.48 -23.76
C GLU C 227 59.44 -38.33 -23.30
N ILE C 228 58.80 -37.30 -22.76
CA ILE C 228 59.48 -36.13 -22.21
C ILE C 228 58.86 -35.81 -20.85
N PHE C 229 59.69 -35.41 -19.90
CA PHE C 229 59.25 -35.05 -18.56
C PHE C 229 59.41 -33.55 -18.35
N VAL C 230 58.33 -32.91 -17.92
CA VAL C 230 58.29 -31.47 -17.69
C VAL C 230 57.99 -31.23 -16.22
N VAL C 231 58.60 -30.20 -15.66
CA VAL C 231 58.37 -29.83 -14.27
C VAL C 231 58.64 -28.33 -14.11
N TRP C 232 57.73 -27.64 -13.43
CA TRP C 232 57.80 -26.20 -13.23
C TRP C 232 57.63 -25.89 -11.75
N LYS C 233 57.75 -24.60 -11.42
CA LYS C 233 57.68 -24.15 -10.03
C LYS C 233 57.48 -22.65 -10.01
N HIS C 234 56.34 -22.21 -9.50
CA HIS C 234 56.05 -20.78 -9.42
C HIS C 234 55.54 -20.41 -8.04
N GLN C 243 43.65 -26.03 -8.59
CA GLN C 243 43.97 -25.59 -9.95
C GLN C 243 44.55 -26.72 -10.78
N GLY C 244 44.87 -26.40 -12.04
CA GLY C 244 45.53 -27.32 -12.94
C GLY C 244 46.44 -26.54 -13.87
N PHE C 245 47.17 -27.26 -14.71
CA PHE C 245 48.09 -26.66 -15.65
C PHE C 245 47.87 -27.25 -17.03
N GLU C 246 47.79 -26.37 -18.04
CA GLU C 246 47.69 -26.77 -19.43
C GLU C 246 49.04 -26.54 -20.10
N ILE C 247 49.52 -27.54 -20.84
CA ILE C 247 50.83 -27.50 -21.46
C ILE C 247 50.67 -27.72 -22.96
N SER C 248 51.33 -26.88 -23.75
CA SER C 248 51.29 -26.96 -25.21
C SER C 248 52.65 -27.40 -25.74
N TYR C 249 52.63 -28.14 -26.84
CA TYR C 249 53.84 -28.69 -27.42
C TYR C 249 53.72 -28.74 -28.93
N TRP C 250 54.79 -28.35 -29.62
CA TRP C 250 54.83 -28.40 -31.07
C TRP C 250 56.25 -28.68 -31.55
N THR C 261 47.89 -30.06 -27.12
CA THR C 261 47.82 -29.63 -25.73
C THR C 261 47.71 -30.82 -24.78
N VAL C 262 47.91 -30.57 -23.49
CA VAL C 262 47.90 -31.64 -22.48
C VAL C 262 47.65 -30.98 -21.13
N ARG C 263 47.12 -31.77 -20.19
CA ARG C 263 46.75 -31.27 -18.87
C ARG C 263 47.44 -32.10 -17.79
N THR C 264 47.41 -31.57 -16.57
CA THR C 264 47.99 -32.25 -15.42
C THR C 264 46.93 -33.12 -14.74
N ARG C 265 47.38 -33.94 -13.79
CA ARG C 265 46.47 -34.74 -12.99
C ARG C 265 46.11 -33.97 -11.72
N GLY C 266 45.34 -32.89 -11.94
CA GLY C 266 44.97 -32.01 -10.85
C GLY C 266 46.03 -30.96 -10.55
N ASN C 267 46.18 -30.60 -9.27
CA ASN C 267 47.15 -29.58 -8.86
C ASN C 267 48.52 -30.25 -8.70
N GLU C 268 49.21 -30.41 -9.83
CA GLU C 268 50.55 -30.95 -9.86
C GLU C 268 51.51 -29.92 -10.45
N SER C 269 52.80 -30.19 -10.33
CA SER C 269 53.84 -29.30 -10.83
C SER C 269 54.66 -29.97 -11.92
N PHE C 270 54.05 -30.92 -12.63
CA PHE C 270 54.80 -31.76 -13.57
C PHE C 270 53.82 -32.49 -14.47
N VAL C 271 54.35 -32.99 -15.59
CA VAL C 271 53.59 -33.83 -16.51
C VAL C 271 54.56 -34.59 -17.38
N MET C 272 54.17 -35.79 -17.79
CA MET C 272 54.98 -36.66 -18.65
C MET C 272 54.19 -36.97 -19.91
N LEU C 273 54.66 -36.46 -21.05
CA LEU C 273 53.99 -36.67 -22.33
C LEU C 273 54.58 -37.88 -23.04
N THR C 274 53.71 -38.63 -23.72
CA THR C 274 54.09 -39.84 -24.43
C THR C 274 53.63 -39.74 -25.89
N GLY C 275 54.12 -40.67 -26.70
CA GLY C 275 53.72 -40.71 -28.09
C GLY C 275 54.39 -39.69 -28.99
N LEU C 276 55.59 -39.25 -28.65
CA LEU C 276 56.31 -38.27 -29.43
C LEU C 276 57.22 -38.96 -30.44
N GLU C 277 57.76 -38.18 -31.38
CA GLU C 277 58.63 -38.71 -32.40
C GLU C 277 60.06 -38.79 -31.89
N GLY C 278 60.81 -39.76 -32.41
CA GLY C 278 62.17 -39.99 -31.94
C GLY C 278 63.16 -39.05 -32.60
N ASN C 279 64.14 -38.61 -31.79
CA ASN C 279 65.19 -37.69 -32.23
C ASN C 279 64.60 -36.45 -32.90
N THR C 280 63.66 -35.82 -32.20
CA THR C 280 62.92 -34.68 -32.71
C THR C 280 62.94 -33.55 -31.69
N LEU C 281 63.12 -32.33 -32.17
CA LEU C 281 63.10 -31.15 -31.32
C LEU C 281 61.67 -30.71 -31.06
N TYR C 282 61.31 -30.56 -29.79
CA TYR C 282 59.98 -30.12 -29.38
C TYR C 282 60.09 -28.81 -28.60
N HIS C 283 59.09 -27.95 -28.77
CA HIS C 283 59.00 -26.69 -28.06
C HIS C 283 57.80 -26.71 -27.13
N LEU C 284 57.93 -26.04 -25.98
CA LEU C 284 56.98 -26.20 -24.88
C LEU C 284 56.62 -24.87 -24.27
N THR C 285 55.38 -24.77 -23.81
CA THR C 285 54.88 -23.67 -22.98
C THR C 285 53.88 -24.22 -21.99
N VAL C 286 53.86 -23.63 -20.79
CA VAL C 286 52.98 -24.07 -19.70
C VAL C 286 52.21 -22.87 -19.17
N ARG C 287 50.94 -23.12 -18.82
CA ARG C 287 50.11 -22.09 -18.20
C ARG C 287 49.12 -22.76 -17.26
N ALA C 288 48.77 -22.06 -16.19
CA ALA C 288 47.84 -22.57 -15.20
C ALA C 288 46.41 -22.20 -15.56
N TYR C 289 45.45 -22.90 -14.93
CA TYR C 289 44.04 -22.64 -15.16
C TYR C 289 43.24 -23.03 -13.93
N ASN C 290 42.10 -22.38 -13.76
CA ASN C 290 41.14 -22.72 -12.72
C ASN C 290 39.73 -22.56 -13.29
N GLY C 291 38.73 -22.53 -12.41
CA GLY C 291 37.36 -22.40 -12.88
C GLY C 291 37.06 -21.06 -13.54
N ALA C 292 37.90 -20.06 -13.31
CA ALA C 292 37.62 -18.76 -13.91
C ALA C 292 38.20 -18.64 -15.32
N GLY C 293 39.34 -19.25 -15.57
CA GLY C 293 39.97 -19.18 -16.87
C GLY C 293 41.42 -19.65 -16.80
N TYR C 294 42.22 -19.12 -17.71
CA TYR C 294 43.62 -19.47 -17.82
C TYR C 294 44.50 -18.32 -17.34
N GLY C 295 45.75 -18.65 -17.01
CA GLY C 295 46.73 -17.66 -16.66
C GLY C 295 47.67 -17.36 -17.80
N PRO C 296 48.70 -16.56 -17.53
CA PRO C 296 49.67 -16.20 -18.57
C PRO C 296 50.58 -17.38 -18.88
N PRO C 297 51.05 -17.50 -20.12
CA PRO C 297 51.96 -18.59 -20.46
C PRO C 297 53.37 -18.37 -19.94
N SER C 298 54.11 -19.48 -19.83
CA SER C 298 55.48 -19.46 -19.33
C SER C 298 56.45 -19.21 -20.47
N ARG C 299 57.74 -19.12 -20.13
CA ARG C 299 58.77 -19.02 -21.15
C ARG C 299 58.91 -20.34 -21.89
N GLU C 300 59.35 -20.26 -23.15
CA GLU C 300 59.40 -21.42 -24.01
C GLU C 300 60.60 -22.30 -23.67
N ALA C 301 60.34 -23.58 -23.40
CA ALA C 301 61.36 -24.58 -23.18
C ALA C 301 61.39 -25.54 -24.35
N SER C 302 62.53 -26.25 -24.50
CA SER C 302 62.70 -27.12 -25.64
C SER C 302 63.80 -28.13 -25.36
N THR C 303 63.56 -29.38 -25.80
CA THR C 303 64.56 -30.44 -25.74
C THR C 303 64.48 -31.26 -27.03
N THR C 304 65.44 -32.18 -27.18
CA THR C 304 65.44 -33.14 -28.27
C THR C 304 65.35 -34.55 -27.68
N THR C 305 64.38 -35.33 -28.13
CA THR C 305 64.12 -36.64 -27.55
C THR C 305 65.21 -37.62 -27.95
N LYS C 306 65.80 -38.29 -26.96
CA LYS C 306 66.79 -39.32 -27.22
C LYS C 306 66.14 -40.70 -27.34
N ALA D 16 31.48 4.93 -22.25
CA ALA D 16 30.66 4.15 -21.33
C ALA D 16 30.24 2.82 -21.95
N GLU D 17 29.27 2.87 -22.85
CA GLU D 17 28.73 1.69 -23.50
C GLU D 17 28.24 2.09 -24.88
N PRO D 18 27.97 1.12 -25.76
CA PRO D 18 27.44 1.46 -27.08
C PRO D 18 26.12 2.24 -26.97
N GLN D 19 26.09 3.40 -27.63
CA GLN D 19 24.94 4.29 -27.58
C GLN D 19 25.01 5.25 -28.75
N ILE D 20 23.90 5.92 -29.01
CA ILE D 20 23.83 6.86 -30.13
C ILE D 20 23.30 8.22 -29.65
N MET D 29 25.71 10.84 -34.51
CA MET D 29 26.88 10.43 -33.76
C MET D 29 26.64 9.05 -33.17
N HIS D 30 27.60 8.57 -32.39
CA HIS D 30 27.55 7.32 -31.67
C HIS D 30 28.80 7.23 -30.83
N MET D 31 28.75 6.38 -29.82
CA MET D 31 29.88 6.19 -28.93
C MET D 31 30.80 5.12 -29.50
N ASN D 32 32.11 5.41 -29.49
CA ASN D 32 33.12 4.45 -29.91
C ASN D 32 33.43 3.53 -28.74
N VAL D 33 33.06 2.25 -28.86
CA VAL D 33 33.25 1.30 -27.77
C VAL D 33 34.72 0.99 -27.53
N GLN D 34 35.59 1.30 -28.48
CA GLN D 34 37.03 1.12 -28.29
C GLN D 34 37.74 2.39 -27.84
N ASN D 35 37.16 3.55 -28.14
CA ASN D 35 37.67 4.83 -27.69
C ASN D 35 36.91 5.26 -26.43
N GLY D 36 36.97 6.54 -26.11
CA GLY D 36 36.35 7.05 -24.90
C GLY D 36 35.37 8.16 -25.16
N LYS D 37 35.33 8.64 -26.41
CA LYS D 37 34.43 9.72 -26.81
C LYS D 37 33.52 9.23 -27.94
N TRP D 38 32.76 10.17 -28.52
CA TRP D 38 31.80 9.86 -29.57
C TRP D 38 32.47 9.91 -30.93
N SER D 40 31.17 9.99 -35.31
CA SER D 40 29.98 10.45 -36.03
C SER D 40 29.51 9.40 -37.01
N ASP D 41 28.43 9.70 -37.73
CA ASP D 41 27.84 8.76 -38.67
C ASP D 41 28.83 8.36 -39.75
N ILE D 55 14.10 3.27 -34.05
CA ILE D 55 15.42 3.91 -34.08
C ILE D 55 16.50 2.84 -33.97
N LEU D 56 16.08 1.60 -33.76
CA LEU D 56 17.02 0.49 -33.61
C LEU D 56 17.83 0.26 -34.88
N GLN D 57 17.33 0.69 -36.04
CA GLN D 57 18.09 0.58 -37.28
C GLN D 57 19.46 1.23 -37.15
N TYR D 58 19.52 2.40 -36.52
CA TYR D 58 20.78 3.11 -36.36
C TYR D 58 21.74 2.33 -35.46
N CYS D 59 21.24 1.88 -34.29
CA CYS D 59 22.07 1.06 -33.41
C CYS D 59 22.56 -0.19 -34.12
N GLN D 60 21.69 -0.83 -34.90
CA GLN D 60 22.08 -2.05 -35.60
C GLN D 60 23.09 -1.76 -36.71
N GLU D 61 22.94 -0.61 -37.38
CA GLU D 61 23.88 -0.25 -38.44
C GLU D 61 25.20 0.25 -37.89
N VAL D 62 25.20 0.83 -36.69
CA VAL D 62 26.43 1.34 -36.10
C VAL D 62 27.24 0.21 -35.47
N TYR D 63 26.57 -0.73 -34.80
CA TYR D 63 27.22 -1.86 -34.14
C TYR D 63 26.74 -3.16 -34.77
N PRO D 64 27.29 -3.54 -35.93
CA PRO D 64 26.90 -4.81 -36.57
C PRO D 64 27.59 -6.02 -35.94
N ILE D 68 22.11 -6.06 -31.59
CA ILE D 68 21.33 -5.09 -30.84
C ILE D 68 19.85 -5.41 -30.97
N THR D 69 19.17 -5.62 -29.83
CA THR D 69 17.78 -6.06 -29.84
C THR D 69 16.80 -4.98 -29.41
N ASN D 70 17.25 -3.93 -28.72
CA ASN D 70 16.35 -2.89 -28.26
C ASN D 70 17.17 -1.66 -27.92
N VAL D 71 16.45 -0.56 -27.61
CA VAL D 71 17.06 0.69 -27.21
C VAL D 71 16.30 1.24 -26.00
N VAL D 72 16.93 2.19 -25.30
CA VAL D 72 16.33 2.81 -24.13
C VAL D 72 16.98 4.17 -23.94
N GLU D 73 16.18 5.13 -23.46
CA GLU D 73 16.71 6.45 -23.15
C GLU D 73 17.59 6.40 -21.91
N ALA D 74 18.72 7.09 -21.96
CA ALA D 74 19.62 7.14 -20.82
C ALA D 74 19.01 7.97 -19.70
N ASN D 75 19.36 7.63 -18.46
CA ASN D 75 18.82 8.33 -17.31
C ASN D 75 19.52 9.65 -17.03
N GLN D 76 20.58 9.98 -17.76
CA GLN D 76 21.34 11.20 -17.56
C GLN D 76 21.69 11.81 -18.91
N PRO D 77 21.77 13.13 -18.99
CA PRO D 77 22.14 13.78 -20.24
C PRO D 77 23.64 13.75 -20.47
N VAL D 78 24.04 14.03 -21.70
CA VAL D 78 25.44 14.09 -22.09
C VAL D 78 25.68 15.34 -22.93
N THR D 79 26.90 15.86 -22.86
CA THR D 79 27.32 17.01 -23.65
C THR D 79 28.26 16.51 -24.74
N ILE D 80 27.92 16.80 -26.00
CA ILE D 80 28.64 16.26 -27.15
C ILE D 80 29.14 17.41 -28.01
N GLN D 81 30.37 17.28 -28.49
CA GLN D 81 30.98 18.24 -29.40
C GLN D 81 31.25 17.56 -30.74
N ASN D 82 31.89 18.31 -31.64
CA ASN D 82 32.28 17.80 -32.95
C ASN D 82 31.08 17.28 -33.75
N TRP D 83 29.99 18.04 -33.72
CA TRP D 83 28.79 17.67 -34.47
C TRP D 83 28.98 17.89 -35.96
N CYS D 91 33.47 22.10 -39.76
CA CYS D 91 32.85 21.72 -38.50
C CYS D 91 33.10 22.77 -37.43
N LYS D 92 32.03 23.29 -36.84
CA LYS D 92 32.11 24.31 -35.81
C LYS D 92 31.93 23.67 -34.44
N THR D 93 32.85 23.96 -33.53
CA THR D 93 32.78 23.45 -32.16
C THR D 93 31.62 24.12 -31.44
N HIS D 94 30.48 23.44 -31.40
CA HIS D 94 29.26 23.98 -30.79
C HIS D 94 28.66 22.87 -29.93
N THR D 95 28.96 22.92 -28.63
CA THR D 95 28.51 21.87 -27.72
C THR D 95 26.99 21.87 -27.58
N HIS D 96 26.43 20.67 -27.41
CA HIS D 96 25.00 20.50 -27.25
C HIS D 96 24.72 19.45 -26.18
N ILE D 97 23.61 19.63 -25.48
CA ILE D 97 23.19 18.73 -24.41
C ILE D 97 22.00 17.93 -24.91
N VAL D 98 22.14 16.61 -24.93
CA VAL D 98 21.11 15.71 -25.43
C VAL D 98 20.97 14.51 -24.48
N ILE D 99 19.90 13.76 -24.67
CA ILE D 99 19.65 12.53 -23.93
C ILE D 99 20.00 11.36 -24.85
N PRO D 100 21.09 10.63 -24.59
CA PRO D 100 21.49 9.56 -25.50
C PRO D 100 20.62 8.31 -25.37
N TYR D 101 20.65 7.51 -26.43
CA TYR D 101 19.91 6.26 -26.50
C TYR D 101 20.89 5.10 -26.37
N ARG D 102 20.74 4.33 -25.29
CA ARG D 102 21.58 3.15 -25.07
C ARG D 102 21.15 2.02 -25.98
N CYS D 103 22.08 1.52 -26.80
CA CYS D 103 21.81 0.37 -27.66
C CYS D 103 21.91 -0.89 -26.81
N LEU D 104 20.78 -1.56 -26.59
CA LEU D 104 20.75 -2.74 -25.71
C LEU D 104 21.20 -3.96 -26.49
N VAL D 105 22.22 -4.64 -25.97
CA VAL D 105 22.84 -5.78 -26.64
C VAL D 105 22.25 -7.07 -26.09
N GLY D 106 21.83 -7.96 -26.99
CA GLY D 106 21.35 -9.27 -26.60
C GLY D 106 20.08 -9.21 -25.76
N GLU D 107 19.93 -10.22 -24.91
CA GLU D 107 18.76 -10.27 -24.02
C GLU D 107 18.89 -9.23 -22.92
N PHE D 108 17.74 -8.72 -22.49
CA PHE D 108 17.72 -7.60 -21.55
C PHE D 108 18.15 -8.03 -20.16
N VAL D 109 19.03 -7.25 -19.54
CA VAL D 109 19.46 -7.45 -18.16
C VAL D 109 19.31 -6.12 -17.44
N SER D 110 18.52 -6.10 -16.36
CA SER D 110 18.23 -4.86 -15.67
C SER D 110 19.48 -4.31 -14.97
N ASP D 111 19.51 -2.99 -14.82
CA ASP D 111 20.65 -2.33 -14.19
C ASP D 111 20.62 -2.53 -12.69
N ALA D 112 21.80 -2.51 -12.08
CA ALA D 112 21.94 -2.54 -10.63
C ALA D 112 21.98 -1.11 -10.10
N LEU D 113 21.10 -0.82 -9.14
CA LEU D 113 20.94 0.53 -8.62
C LEU D 113 21.72 0.72 -7.32
N LEU D 114 22.23 1.92 -7.14
CA LEU D 114 22.96 2.29 -5.93
C LEU D 114 21.97 2.83 -4.91
N VAL D 115 21.94 2.21 -3.73
CA VAL D 115 21.04 2.63 -2.66
C VAL D 115 21.87 3.23 -1.53
N PRO D 116 21.98 4.54 -1.44
CA PRO D 116 22.78 5.15 -0.36
C PRO D 116 22.16 4.90 1.00
N ASP D 117 22.89 5.31 2.03
CA ASP D 117 22.43 5.14 3.40
C ASP D 117 21.13 5.93 3.62
N LYS D 118 20.20 5.32 4.34
CA LYS D 118 18.90 5.87 4.69
C LYS D 118 17.99 6.07 3.49
N CYS D 119 18.35 5.57 2.32
CA CYS D 119 17.47 5.53 1.16
C CYS D 119 16.91 4.11 1.00
N LYS D 120 15.79 4.02 0.30
CA LYS D 120 15.07 2.75 0.19
C LYS D 120 14.86 2.40 -1.27
N PHE D 121 14.98 1.11 -1.57
CA PHE D 121 14.85 0.57 -2.92
C PHE D 121 13.43 0.07 -3.12
N LEU D 122 12.72 0.65 -4.09
CA LEU D 122 11.36 0.26 -4.42
C LEU D 122 11.28 -0.15 -5.88
N HIS D 123 10.21 -0.87 -6.20
CA HIS D 123 10.02 -1.37 -7.57
C HIS D 123 8.54 -1.63 -7.80
N GLN D 124 8.13 -1.43 -9.05
CA GLN D 124 6.77 -1.71 -9.49
C GLN D 124 6.81 -2.49 -10.80
N GLU D 125 5.77 -3.27 -11.05
CA GLU D 125 5.69 -4.09 -12.25
C GLU D 125 4.26 -4.57 -12.44
N ARG D 126 3.86 -4.69 -13.70
CA ARG D 126 2.53 -5.16 -14.06
C ARG D 126 2.60 -5.86 -15.39
N MET D 127 2.25 -7.15 -15.41
CA MET D 127 2.29 -7.93 -16.65
C MET D 127 1.20 -7.54 -17.63
N ASP D 128 0.20 -6.76 -17.20
CA ASP D 128 -0.90 -6.38 -18.06
C ASP D 128 -0.79 -4.94 -18.57
N VAL D 129 0.40 -4.36 -18.55
CA VAL D 129 0.65 -3.01 -19.05
C VAL D 129 1.90 -3.01 -19.90
N CYS D 130 2.14 -1.88 -20.56
CA CYS D 130 3.36 -1.69 -21.36
C CYS D 130 3.50 -0.19 -21.60
N GLU D 131 4.44 0.44 -20.89
CA GLU D 131 4.59 1.89 -20.90
C GLU D 131 6.01 2.27 -21.34
N THR D 132 6.21 3.57 -21.54
CA THR D 132 7.45 4.11 -22.05
C THR D 132 8.44 4.41 -20.91
N HIS D 133 9.65 4.80 -21.30
CA HIS D 133 10.67 5.15 -20.31
C HIS D 133 10.31 6.44 -19.57
N LEU D 134 9.80 7.44 -20.29
CA LEU D 134 9.39 8.69 -19.66
C LEU D 134 8.26 8.46 -18.67
N HIS D 135 7.37 7.51 -18.96
CA HIS D 135 6.26 7.23 -18.04
C HIS D 135 6.77 6.60 -16.76
N TRP D 136 7.66 5.60 -16.86
CA TRP D 136 8.16 4.92 -15.68
C TRP D 136 9.04 5.84 -14.83
N HIS D 137 9.74 6.78 -15.46
CA HIS D 137 10.50 7.77 -14.69
C HIS D 137 9.56 8.68 -13.91
N THR D 138 8.42 9.06 -14.51
CA THR D 138 7.46 9.88 -13.79
C THR D 138 6.79 9.09 -12.67
N VAL D 139 6.53 7.80 -12.90
CA VAL D 139 5.96 6.96 -11.85
C VAL D 139 6.92 6.81 -10.69
N ALA D 140 8.22 6.64 -10.99
CA ALA D 140 9.20 6.48 -9.92
C ALA D 140 9.33 7.75 -9.09
N LYS D 141 9.27 8.92 -9.73
CA LYS D 141 9.42 10.18 -9.01
C LYS D 141 8.16 10.48 -8.20
N GLU D 142 6.98 10.30 -8.80
CA GLU D 142 5.75 10.56 -8.08
C GLU D 142 5.57 9.60 -6.91
N THR D 143 6.11 8.38 -7.02
CA THR D 143 6.03 7.43 -5.91
C THR D 143 6.90 7.89 -4.75
N CYS D 144 8.12 8.36 -5.04
CA CYS D 144 8.96 8.91 -3.98
C CYS D 144 8.36 10.18 -3.40
N SER D 145 7.77 11.03 -4.25
CA SER D 145 7.16 12.26 -3.77
C SER D 145 5.93 11.97 -2.91
N GLU D 146 5.18 10.93 -3.26
CA GLU D 146 4.02 10.56 -2.45
C GLU D 146 4.42 10.09 -1.07
N LYS D 147 5.62 9.54 -0.93
CA LYS D 147 6.16 9.12 0.36
C LYS D 147 7.09 10.17 0.96
N SER D 148 6.98 11.43 0.52
CA SER D 148 7.73 12.56 1.07
C SER D 148 9.24 12.36 0.91
N THR D 149 9.64 11.85 -0.26
CA THR D 149 11.05 11.64 -0.55
C THR D 149 11.34 12.11 -1.97
N ASN D 150 12.61 12.00 -2.37
CA ASN D 150 13.06 12.39 -3.70
C ASN D 150 13.56 11.17 -4.46
N LEU D 151 13.47 11.23 -5.78
CA LEU D 151 13.96 10.15 -6.63
C LEU D 151 15.45 10.31 -6.87
N HIS D 152 16.21 9.26 -6.58
CA HIS D 152 17.67 9.29 -6.68
C HIS D 152 18.19 8.58 -7.92
N ASP D 153 17.74 7.35 -8.17
CA ASP D 153 18.17 6.58 -9.32
C ASP D 153 17.08 5.58 -9.66
N TYR D 154 17.06 5.14 -10.91
CA TYR D 154 16.01 4.23 -11.36
C TYR D 154 16.51 3.41 -12.55
N GLY D 155 15.68 2.48 -12.97
CA GLY D 155 15.99 1.62 -14.10
C GLY D 155 14.75 0.89 -14.58
N MET D 156 14.81 0.44 -15.83
CA MET D 156 13.68 -0.21 -16.48
C MET D 156 13.66 -1.70 -16.19
N LEU D 157 12.47 -2.29 -16.31
CA LEU D 157 12.26 -3.70 -16.02
C LEU D 157 11.28 -4.31 -17.01
N LEU D 158 11.52 -5.56 -17.39
CA LEU D 158 10.61 -6.38 -18.18
C LEU D 158 10.19 -5.68 -19.48
N PRO D 159 11.04 -5.71 -20.51
CA PRO D 159 10.68 -5.04 -21.76
C PRO D 159 9.50 -5.71 -22.45
N CYS D 160 8.67 -4.88 -23.09
CA CYS D 160 7.53 -5.36 -23.85
C CYS D 160 7.49 -4.77 -25.26
N GLY D 161 8.44 -3.93 -25.62
CA GLY D 161 8.50 -3.34 -26.94
C GLY D 161 9.76 -2.51 -27.08
N ILE D 162 9.89 -1.85 -28.23
CA ILE D 162 11.03 -0.99 -28.48
C ILE D 162 10.93 0.22 -27.58
N ASP D 163 11.84 0.32 -26.61
CA ASP D 163 11.86 1.41 -25.62
C ASP D 163 10.56 1.44 -24.80
N LYS D 164 9.96 0.28 -24.58
CA LYS D 164 8.77 0.16 -23.74
C LYS D 164 8.96 -1.01 -22.79
N PHE D 165 8.52 -0.83 -21.54
CA PHE D 165 8.80 -1.79 -20.48
C PHE D 165 7.56 -1.98 -19.62
N ARG D 166 7.58 -3.06 -18.83
CA ARG D 166 6.46 -3.41 -17.98
C ARG D 166 6.65 -3.02 -16.52
N GLY D 167 7.85 -2.60 -16.13
CA GLY D 167 8.08 -2.27 -14.73
C GLY D 167 9.22 -1.28 -14.58
N VAL D 168 9.45 -0.90 -13.33
CA VAL D 168 10.51 0.06 -13.00
C VAL D 168 11.03 -0.26 -11.60
N GLU D 169 12.33 -0.07 -11.42
CA GLU D 169 12.98 -0.13 -10.12
C GLU D 169 13.60 1.24 -9.84
N PHE D 170 13.55 1.68 -8.59
CA PHE D 170 14.01 3.03 -8.28
C PHE D 170 14.39 3.10 -6.81
N VAL D 171 15.03 4.22 -6.45
CA VAL D 171 15.52 4.47 -5.09
C VAL D 171 15.01 5.83 -4.65
N CYS D 172 14.37 5.87 -3.48
CA CYS D 172 13.87 7.12 -2.90
C CYS D 172 14.78 7.53 -1.75
N CYS D 173 15.30 8.75 -1.81
CA CYS D 173 16.14 9.31 -0.76
C CYS D 173 15.42 10.48 -0.08
N PRO D 174 15.64 10.69 1.23
CA PRO D 174 14.98 11.77 1.95
C PRO D 174 15.47 13.16 1.53
#